data_8EEL
#
_entry.id   8EEL
#
_cell.length_a   59.820
_cell.length_b   118.541
_cell.length_c   141.081
_cell.angle_alpha   90.000
_cell.angle_beta   90.000
_cell.angle_gamma   90.000
#
_symmetry.space_group_name_H-M   'P 21 21 21'
#
loop_
_entity.id
_entity.type
_entity.pdbx_description
1 polymer 'Amine oxidase'
2 non-polymer 'FLAVIN-ADENINE DINUCLEOTIDE'
3 non-polymer 5-aminopentan-1-ol
4 water water
#
_entity_poly.entity_id   1
_entity_poly.type   'polypeptide(L)'
_entity_poly.pdbx_seq_one_letter_code
;MSKNKVVIIGAGFAGLVAARELQTAGIEYEILEAKDRIGGRAWTEERMGRPLELGATWVHWFQAHTWTEIMRYGQRTEIT
ASPSGNDAHWVTDGKVVKGTEDDLDEKLTAAMGVTYEGSEEYFPNPHDPLWVLSDDFDGPAEVRERFLSDDQTNAIDLVK
EAGFDQETIDLVDAFWCAGYIGDPYTGSALMAKQWGALSDNRYRVMEDITLKWKLNNGMRSLYDGIAGDLNTDIRLNTPV
AKVEHHDNGATVTTESGEVIEASAVICTVPVGALSNIEFSPALPDAVQSVIDDKWNSQGAKIWIKIKGHHRFLGYAPKPA
KMSVVRSEYFMDDDTTILVGFGYDNTNIDLNSIEDAQAVINQWRDDLEVVDTTGHNWVADKWAGQAWGTLRKGQFTQGWS
LFDDIDSQLFFAGSDYAYGWRGVCVDGALEKGMTTARQVINSMRETKEQ
;
_entity_poly.pdbx_strand_id   A,B
#
# COMPACT_ATOMS: atom_id res chain seq x y z
N LYS A 5 -22.26 -21.41 -6.62
CA LYS A 5 -22.46 -21.99 -5.30
C LYS A 5 -22.31 -20.93 -4.20
N VAL A 6 -21.23 -20.15 -4.18
CA VAL A 6 -21.21 -18.94 -3.36
C VAL A 6 -21.96 -17.84 -4.09
N VAL A 7 -22.95 -17.24 -3.44
CA VAL A 7 -23.71 -16.15 -4.03
C VAL A 7 -23.18 -14.83 -3.48
N ILE A 8 -22.81 -13.93 -4.38
CA ILE A 8 -22.30 -12.61 -4.02
C ILE A 8 -23.37 -11.60 -4.38
N ILE A 9 -23.80 -10.84 -3.39
CA ILE A 9 -24.83 -9.82 -3.61
C ILE A 9 -24.12 -8.49 -3.82
N GLY A 10 -24.20 -7.97 -5.04
CA GLY A 10 -23.65 -6.66 -5.34
C GLY A 10 -22.38 -6.73 -6.15
N ALA A 11 -22.32 -5.98 -7.26
CA ALA A 11 -21.15 -5.93 -8.11
C ALA A 11 -20.41 -4.60 -7.98
N GLY A 12 -20.25 -4.09 -6.76
CA GLY A 12 -19.30 -3.04 -6.51
C GLY A 12 -17.91 -3.64 -6.37
N PHE A 13 -16.97 -2.81 -5.93
CA PHE A 13 -15.58 -3.28 -5.79
C PHE A 13 -15.48 -4.47 -4.84
N ALA A 14 -16.21 -4.44 -3.72
CA ALA A 14 -16.08 -5.54 -2.77
C ALA A 14 -16.59 -6.86 -3.37
N GLY A 15 -17.73 -6.84 -4.05
CA GLY A 15 -18.24 -8.07 -4.65
C GLY A 15 -17.39 -8.55 -5.82
N LEU A 16 -16.92 -7.62 -6.66
CA LEU A 16 -16.07 -8.00 -7.79
C LEU A 16 -14.77 -8.64 -7.31
N VAL A 17 -14.11 -8.03 -6.32
CA VAL A 17 -12.82 -8.59 -5.90
C VAL A 17 -13.02 -9.90 -5.14
N ALA A 18 -14.13 -10.04 -4.41
CA ALA A 18 -14.43 -11.31 -3.76
C ALA A 18 -14.60 -12.43 -4.78
N ALA A 19 -15.30 -12.13 -5.88
CA ALA A 19 -15.50 -13.13 -6.93
C ALA A 19 -14.18 -13.54 -7.57
N ARG A 20 -13.32 -12.56 -7.88
CA ARG A 20 -12.01 -12.89 -8.43
C ARG A 20 -11.22 -13.76 -7.47
N GLU A 21 -11.29 -13.45 -6.17
CA GLU A 21 -10.56 -14.23 -5.18
C GLU A 21 -11.07 -15.66 -5.11
N LEU A 22 -12.39 -15.84 -5.13
CA LEU A 22 -12.96 -17.19 -5.16
C LEU A 22 -12.56 -17.91 -6.44
N GLN A 23 -12.58 -17.21 -7.58
CA GLN A 23 -12.16 -17.81 -8.84
C GLN A 23 -10.73 -18.34 -8.75
N THR A 24 -9.84 -17.59 -8.10
CA THR A 24 -8.47 -18.08 -7.89
C THR A 24 -8.45 -19.39 -7.12
N ALA A 25 -9.32 -19.55 -6.13
CA ALA A 25 -9.35 -20.75 -5.32
C ALA A 25 -10.19 -21.86 -5.91
N GLY A 26 -10.66 -21.70 -7.16
CA GLY A 26 -11.45 -22.73 -7.80
C GLY A 26 -12.85 -22.91 -7.26
N ILE A 27 -13.43 -21.88 -6.64
CA ILE A 27 -14.74 -21.99 -6.01
C ILE A 27 -15.79 -21.35 -6.92
N GLU A 28 -16.87 -22.08 -7.18
CA GLU A 28 -17.88 -21.55 -8.07
C GLU A 28 -18.67 -20.44 -7.35
N TYR A 29 -19.03 -19.42 -8.11
CA TYR A 29 -19.68 -18.25 -7.55
C TYR A 29 -20.67 -17.71 -8.57
N GLU A 30 -21.50 -16.78 -8.10
CA GLU A 30 -22.35 -15.99 -8.97
C GLU A 30 -22.57 -14.64 -8.29
N ILE A 31 -22.44 -13.56 -9.06
CA ILE A 31 -22.72 -12.21 -8.58
C ILE A 31 -24.10 -11.80 -9.06
N LEU A 32 -24.96 -11.40 -8.12
CA LEU A 32 -26.26 -10.81 -8.45
C LEU A 32 -26.22 -9.34 -8.11
N GLU A 33 -26.43 -8.50 -9.12
CA GLU A 33 -26.41 -7.06 -8.99
C GLU A 33 -27.78 -6.48 -9.29
N ALA A 34 -28.27 -5.59 -8.41
CA ALA A 34 -29.59 -5.00 -8.58
C ALA A 34 -29.66 -4.08 -9.81
N LYS A 35 -28.61 -3.31 -10.06
CA LYS A 35 -28.65 -2.32 -11.13
C LYS A 35 -28.31 -2.93 -12.50
N ASP A 36 -28.42 -2.09 -13.53
CA ASP A 36 -28.02 -2.43 -14.90
C ASP A 36 -26.57 -2.10 -15.18
N ARG A 37 -25.74 -1.92 -14.15
CA ARG A 37 -24.33 -1.55 -14.30
C ARG A 37 -23.56 -2.11 -13.12
N ILE A 38 -22.25 -2.22 -13.28
CA ILE A 38 -21.37 -2.64 -12.19
C ILE A 38 -20.63 -1.42 -11.65
N GLY A 39 -19.98 -1.59 -10.48
CA GLY A 39 -19.19 -0.55 -9.87
C GLY A 39 -19.76 0.02 -8.59
N GLY A 40 -21.08 -0.07 -8.39
CA GLY A 40 -21.69 0.40 -7.15
C GLY A 40 -21.48 1.89 -6.93
N ARG A 41 -20.93 2.22 -5.77
CA ARG A 41 -20.70 3.62 -5.43
C ARG A 41 -19.42 4.19 -6.05
N ALA A 42 -18.75 3.43 -6.90
CA ALA A 42 -17.82 3.97 -7.88
C ALA A 42 -18.51 3.96 -9.22
N TRP A 43 -18.50 5.10 -9.92
CA TRP A 43 -19.32 5.22 -11.12
C TRP A 43 -18.72 6.34 -11.97
N THR A 44 -17.94 5.95 -12.98
CA THR A 44 -17.41 6.88 -13.96
C THR A 44 -18.43 7.03 -15.06
N GLU A 45 -18.85 8.27 -15.33
CA GLU A 45 -19.93 8.52 -16.27
C GLU A 45 -19.67 9.80 -17.04
N GLU A 46 -19.85 9.75 -18.36
CA GLU A 46 -19.79 10.95 -19.17
C GLU A 46 -20.89 11.94 -18.78
N ARG A 47 -20.51 13.08 -18.22
CA ARG A 47 -21.45 14.16 -17.89
C ARG A 47 -20.75 15.49 -18.14
N MET A 48 -21.50 16.47 -18.65
CA MET A 48 -21.01 17.84 -18.82
C MET A 48 -19.74 17.91 -19.68
N GLY A 49 -19.60 16.98 -20.62
CA GLY A 49 -18.54 17.06 -21.60
C GLY A 49 -17.33 16.18 -21.36
N ARG A 50 -17.29 15.43 -20.26
CA ARG A 50 -16.13 14.59 -19.99
C ARG A 50 -16.52 13.50 -19.00
N PRO A 51 -15.70 12.46 -18.84
CA PRO A 51 -15.98 11.47 -17.79
C PRO A 51 -15.83 12.08 -16.41
N LEU A 52 -16.86 11.92 -15.59
CA LEU A 52 -16.85 12.43 -14.21
C LEU A 52 -17.10 11.29 -13.24
N GLU A 53 -16.47 11.36 -12.08
CA GLU A 53 -16.68 10.36 -11.03
C GLU A 53 -17.88 10.80 -10.20
N LEU A 54 -19.02 10.12 -10.39
CA LEU A 54 -20.20 10.43 -9.60
C LEU A 54 -20.12 9.90 -8.18
N GLY A 55 -19.29 8.88 -7.95
CA GLY A 55 -18.92 8.46 -6.60
C GLY A 55 -17.41 8.55 -6.38
N ALA A 56 -16.76 7.41 -6.20
CA ALA A 56 -15.34 7.36 -5.85
C ALA A 56 -14.45 8.06 -6.88
N THR A 57 -13.43 8.80 -6.39
CA THR A 57 -12.53 9.57 -7.24
C THR A 57 -11.03 9.34 -6.96
N TRP A 58 -10.59 9.55 -5.72
CA TRP A 58 -9.16 9.73 -5.44
C TRP A 58 -8.52 8.45 -4.93
N VAL A 59 -7.21 8.29 -5.22
CA VAL A 59 -6.42 7.09 -4.92
C VAL A 59 -5.03 7.52 -4.45
N HIS A 60 -4.25 6.55 -3.93
CA HIS A 60 -2.87 6.82 -3.53
C HIS A 60 -2.10 5.50 -3.37
N TRP A 61 -0.79 5.54 -3.61
CA TRP A 61 0.02 4.33 -3.47
C TRP A 61 0.20 3.89 -2.01
N PHE A 62 -0.17 4.71 -1.02
CA PHE A 62 -0.22 4.25 0.37
C PHE A 62 -1.51 3.50 0.70
N GLN A 63 -2.37 3.25 -0.30
CA GLN A 63 -3.58 2.46 -0.14
C GLN A 63 -3.30 1.11 -0.79
N ALA A 64 -2.96 0.11 0.03
CA ALA A 64 -2.34 -1.10 -0.52
C ALA A 64 -3.27 -1.81 -1.49
N HIS A 65 -4.55 -1.95 -1.14
CA HIS A 65 -5.45 -2.71 -2.00
C HIS A 65 -5.77 -1.96 -3.28
N THR A 66 -6.11 -0.67 -3.17
CA THR A 66 -6.36 0.13 -4.37
C THR A 66 -5.12 0.16 -5.25
N TRP A 67 -3.94 0.39 -4.66
CA TRP A 67 -2.74 0.53 -5.49
C TRP A 67 -2.40 -0.76 -6.22
N THR A 68 -2.59 -1.92 -5.59
CA THR A 68 -2.30 -3.16 -6.31
C THR A 68 -3.20 -3.33 -7.53
N GLU A 69 -4.46 -2.90 -7.43
CA GLU A 69 -5.35 -2.99 -8.61
C GLU A 69 -4.94 -1.98 -9.68
N ILE A 70 -4.52 -0.79 -9.27
CA ILE A 70 -4.01 0.18 -10.24
C ILE A 70 -2.83 -0.42 -11.00
N MET A 71 -1.91 -1.08 -10.29
CA MET A 71 -0.78 -1.73 -10.95
C MET A 71 -1.26 -2.87 -11.83
N ARG A 72 -2.16 -3.70 -11.31
CA ARG A 72 -2.62 -4.85 -12.06
C ARG A 72 -3.25 -4.46 -13.40
N TYR A 73 -4.08 -3.41 -13.41
CA TYR A 73 -4.84 -3.09 -14.62
C TYR A 73 -4.21 -1.97 -15.44
N GLY A 74 -2.90 -1.75 -15.28
CA GLY A 74 -2.16 -0.91 -16.20
C GLY A 74 -2.27 0.57 -15.96
N GLN A 75 -2.70 1.01 -14.77
CA GLN A 75 -2.94 2.43 -14.52
C GLN A 75 -1.82 3.09 -13.71
N ARG A 76 -0.67 2.42 -13.57
CA ARG A 76 0.48 2.94 -12.80
C ARG A 76 0.78 4.41 -13.09
N THR A 77 0.89 4.79 -14.35
CA THR A 77 1.22 6.18 -14.70
C THR A 77 -0.01 6.97 -15.10
N GLU A 78 -1.20 6.40 -14.98
CA GLU A 78 -2.42 7.06 -15.42
C GLU A 78 -3.15 7.74 -14.26
N ILE A 79 -2.38 8.44 -13.41
CA ILE A 79 -2.95 9.24 -12.34
C ILE A 79 -2.48 10.68 -12.52
N THR A 80 -3.33 11.61 -12.11
CA THR A 80 -3.04 13.04 -12.23
C THR A 80 -3.51 13.73 -10.95
N ALA A 81 -2.70 14.65 -10.44
CA ALA A 81 -3.07 15.39 -9.24
C ALA A 81 -4.13 16.45 -9.57
N SER A 82 -5.10 16.59 -8.67
CA SER A 82 -6.07 17.68 -8.75
C SER A 82 -5.38 19.04 -8.70
N PRO A 83 -6.02 20.08 -9.25
CA PRO A 83 -5.42 21.42 -9.22
C PRO A 83 -5.13 21.89 -7.80
N SER A 84 -3.97 22.52 -7.64
CA SER A 84 -3.56 23.10 -6.37
C SER A 84 -3.18 24.55 -6.60
N GLY A 85 -2.75 25.23 -5.54
CA GLY A 85 -2.52 26.66 -5.63
C GLY A 85 -3.77 27.45 -5.96
N ASN A 86 -4.93 27.00 -5.50
CA ASN A 86 -6.17 27.72 -5.76
C ASN A 86 -6.26 28.96 -4.88
N ASP A 87 -7.02 29.94 -5.35
CA ASP A 87 -7.43 31.04 -4.49
C ASP A 87 -8.47 30.52 -3.52
N ALA A 88 -8.19 30.65 -2.23
CA ALA A 88 -9.01 30.03 -1.20
C ALA A 88 -9.97 31.04 -0.56
N HIS A 89 -11.14 30.55 -0.18
CA HIS A 89 -12.17 31.35 0.47
C HIS A 89 -12.76 30.52 1.59
N TRP A 90 -13.04 31.16 2.73
CA TRP A 90 -13.73 30.40 3.77
C TRP A 90 -14.67 31.32 4.54
N VAL A 91 -15.76 30.72 5.00
CA VAL A 91 -16.83 31.42 5.70
C VAL A 91 -16.62 31.22 7.19
N THR A 92 -16.57 32.30 7.96
CA THR A 92 -16.43 32.00 9.37
C THR A 92 -17.62 32.53 10.17
N ASP A 93 -17.68 33.82 10.48
CA ASP A 93 -18.85 34.28 11.23
C ASP A 93 -19.79 35.01 10.29
N GLY A 94 -20.37 34.23 9.37
CA GLY A 94 -21.18 34.77 8.31
C GLY A 94 -20.43 35.61 7.30
N LYS A 95 -19.10 35.66 7.37
CA LYS A 95 -18.30 36.49 6.49
C LYS A 95 -17.37 35.63 5.65
N VAL A 96 -17.08 36.07 4.45
CA VAL A 96 -16.16 35.37 3.57
C VAL A 96 -14.76 35.94 3.76
N VAL A 97 -13.82 35.07 4.07
CA VAL A 97 -12.41 35.42 4.18
C VAL A 97 -11.69 34.87 2.96
N LYS A 98 -10.77 35.66 2.40
CA LYS A 98 -9.95 35.21 1.28
C LYS A 98 -8.52 34.98 1.74
N GLY A 99 -7.88 34.00 1.12
CA GLY A 99 -6.50 33.70 1.44
C GLY A 99 -5.92 32.71 0.45
N THR A 100 -4.69 32.29 0.72
CA THR A 100 -4.06 31.29 -0.12
C THR A 100 -4.42 29.89 0.35
N GLU A 101 -4.35 28.93 -0.57
CA GLU A 101 -4.53 27.54 -0.17
C GLU A 101 -3.55 27.15 0.91
N ASP A 102 -2.33 27.72 0.88
CA ASP A 102 -1.37 27.49 1.95
C ASP A 102 -1.86 28.01 3.29
N ASP A 103 -2.41 29.23 3.32
CA ASP A 103 -2.99 29.76 4.56
C ASP A 103 -3.94 28.74 5.16
N LEU A 104 -4.86 28.24 4.34
CA LEU A 104 -5.90 27.35 4.82
C LEU A 104 -5.29 26.04 5.30
N ASP A 105 -4.32 25.50 4.56
CA ASP A 105 -3.71 24.24 4.94
C ASP A 105 -2.95 24.36 6.26
N GLU A 106 -2.31 25.50 6.52
CA GLU A 106 -1.60 25.64 7.78
C GLU A 106 -2.56 25.69 8.96
N LYS A 107 -3.73 26.29 8.77
CA LYS A 107 -4.73 26.28 9.84
C LYS A 107 -5.21 24.87 10.13
N LEU A 108 -5.57 24.12 9.09
CA LEU A 108 -5.99 22.74 9.28
C LEU A 108 -4.88 21.88 9.87
N THR A 109 -3.63 22.11 9.44
CA THR A 109 -2.53 21.32 10.00
C THR A 109 -2.45 21.50 11.51
N ALA A 110 -2.56 22.75 11.99
CA ALA A 110 -2.52 22.98 13.44
C ALA A 110 -3.69 22.30 14.13
N ALA A 111 -4.87 22.34 13.53
CA ALA A 111 -6.05 21.72 14.15
C ALA A 111 -5.96 20.20 14.15
N MET A 112 -5.35 19.61 13.12
CA MET A 112 -5.26 18.15 13.04
C MET A 112 -4.37 17.58 14.13
N GLY A 113 -3.30 18.30 14.50
CA GLY A 113 -2.45 17.84 15.58
C GLY A 113 -3.22 17.58 16.86
N VAL A 114 -4.16 18.46 17.17
CA VAL A 114 -5.02 18.22 18.33
C VAL A 114 -6.04 17.14 18.01
N THR A 115 -6.50 17.11 16.76
CA THR A 115 -7.49 16.13 16.33
C THR A 115 -6.92 14.72 16.28
N TYR A 116 -5.69 14.51 15.96
CA TYR A 116 -5.15 13.17 15.96
C TYR A 116 -4.66 12.67 17.34
N GLU A 117 -4.66 13.55 18.33
CA GLU A 117 -4.16 13.27 19.68
C GLU A 117 -4.58 11.94 20.21
N GLY A 118 -3.62 11.14 20.54
CA GLY A 118 -3.92 9.84 21.03
C GLY A 118 -3.75 8.75 19.99
N SER A 119 -3.68 9.11 18.70
CA SER A 119 -3.58 8.04 17.70
C SER A 119 -2.36 7.15 17.91
N GLU A 120 -1.26 7.69 18.44
CA GLU A 120 -0.07 6.88 18.65
C GLU A 120 -0.28 5.83 19.75
N GLU A 121 -1.07 6.16 20.77
CA GLU A 121 -1.41 5.19 21.81
C GLU A 121 -2.45 4.20 21.34
N TYR A 122 -3.38 4.64 20.50
CA TYR A 122 -4.50 3.79 20.10
C TYR A 122 -4.12 2.84 18.96
N PHE A 123 -3.29 3.33 18.04
CA PHE A 123 -3.16 2.71 16.71
C PHE A 123 -1.70 2.47 16.31
N PRO A 124 -0.89 1.85 17.19
CA PRO A 124 0.48 1.52 16.75
C PRO A 124 0.51 0.72 15.45
N ASN A 125 -0.39 -0.25 15.32
CA ASN A 125 -0.74 -0.86 14.04
C ASN A 125 -2.05 -0.24 13.59
N PRO A 126 -2.05 0.68 12.63
CA PRO A 126 -3.29 1.38 12.26
C PRO A 126 -4.30 0.47 11.59
N HIS A 127 -3.91 -0.76 11.26
CA HIS A 127 -4.85 -1.76 10.73
C HIS A 127 -5.36 -2.70 11.80
N ASP A 128 -5.11 -2.40 13.08
CA ASP A 128 -5.75 -3.07 14.21
C ASP A 128 -6.49 -2.02 15.03
N PRO A 129 -7.61 -1.49 14.51
CA PRO A 129 -8.22 -0.31 15.14
C PRO A 129 -8.82 -0.57 16.52
N LEU A 130 -9.17 -1.81 16.86
CA LEU A 130 -9.77 -2.11 18.14
C LEU A 130 -8.78 -2.78 19.09
N TRP A 131 -7.48 -2.61 18.83
CA TRP A 131 -6.46 -3.21 19.69
C TRP A 131 -6.64 -2.80 21.16
N VAL A 132 -6.98 -1.53 21.40
CA VAL A 132 -7.12 -1.02 22.77
C VAL A 132 -8.18 -1.81 23.56
N LEU A 133 -9.18 -2.35 22.88
CA LEU A 133 -10.21 -3.11 23.57
C LEU A 133 -9.93 -4.60 23.64
N SER A 134 -8.80 -5.04 23.10
CA SER A 134 -8.47 -6.46 23.02
C SER A 134 -7.82 -6.94 24.32
N ASP A 135 -7.76 -8.27 24.45
CA ASP A 135 -7.04 -8.84 25.58
C ASP A 135 -5.53 -8.68 25.45
N ASP A 136 -5.02 -8.38 24.25
CA ASP A 136 -3.60 -8.12 24.11
C ASP A 136 -3.22 -6.68 24.46
N PHE A 137 -4.20 -5.81 24.73
CA PHE A 137 -3.86 -4.44 25.12
C PHE A 137 -3.08 -4.45 26.42
N ASP A 138 -1.91 -3.80 26.40
CA ASP A 138 -1.02 -3.77 27.56
C ASP A 138 -0.68 -2.35 27.98
N GLY A 139 -1.49 -1.37 27.60
CA GLY A 139 -1.24 0.00 27.97
C GLY A 139 -1.95 0.35 29.26
N PRO A 140 -1.80 1.60 29.70
CA PRO A 140 -2.47 2.02 30.94
C PRO A 140 -3.97 2.10 30.77
N ALA A 141 -4.68 1.87 31.88
CA ALA A 141 -6.14 1.83 31.83
C ALA A 141 -6.74 3.15 31.36
N GLU A 142 -6.07 4.27 31.59
CA GLU A 142 -6.63 5.55 31.17
C GLU A 142 -6.61 5.70 29.66
N VAL A 143 -5.72 4.99 28.94
CA VAL A 143 -5.78 5.00 27.49
C VAL A 143 -7.08 4.35 27.01
N ARG A 144 -7.44 3.20 27.60
CA ARG A 144 -8.69 2.56 27.23
C ARG A 144 -9.89 3.45 27.55
N GLU A 145 -9.85 4.14 28.70
CA GLU A 145 -10.94 5.04 29.06
C GLU A 145 -11.03 6.21 28.08
N ARG A 146 -9.89 6.78 27.70
CA ARG A 146 -9.90 7.88 26.74
C ARG A 146 -10.40 7.41 25.37
N PHE A 147 -9.97 6.21 24.96
CA PHE A 147 -10.44 5.60 23.72
C PHE A 147 -11.96 5.54 23.70
N LEU A 148 -12.57 4.95 24.73
CA LEU A 148 -14.03 4.85 24.75
C LEU A 148 -14.68 6.23 24.78
N SER A 149 -14.13 7.15 25.56
CA SER A 149 -14.64 8.52 25.59
C SER A 149 -14.60 9.17 24.21
N ASP A 150 -13.51 8.95 23.46
CA ASP A 150 -13.37 9.58 22.15
C ASP A 150 -14.40 9.07 21.16
N ASP A 151 -14.90 7.84 21.33
CA ASP A 151 -15.98 7.38 20.47
C ASP A 151 -17.26 8.19 20.67
N GLN A 152 -17.40 8.88 21.81
CA GLN A 152 -18.60 9.66 22.12
C GLN A 152 -18.38 11.16 21.97
N THR A 153 -17.26 11.57 21.37
CA THR A 153 -16.93 12.97 21.11
C THR A 153 -16.81 13.16 19.60
N ASN A 154 -17.33 14.27 19.09
CA ASN A 154 -17.12 14.57 17.68
C ASN A 154 -15.78 15.28 17.48
N ALA A 155 -15.32 15.29 16.22
CA ALA A 155 -13.99 15.83 15.92
C ALA A 155 -13.91 17.34 16.10
N ILE A 156 -15.02 18.05 15.96
CA ILE A 156 -14.99 19.51 16.08
C ILE A 156 -14.81 19.91 17.53
N ASP A 157 -15.46 19.19 18.46
CA ASP A 157 -15.35 19.57 19.86
C ASP A 157 -13.92 19.46 20.37
N LEU A 158 -13.12 18.55 19.80
CA LEU A 158 -11.71 18.47 20.19
C LEU A 158 -10.99 19.78 19.90
N VAL A 159 -11.33 20.42 18.78
CA VAL A 159 -10.69 21.67 18.38
C VAL A 159 -11.20 22.82 19.22
N LYS A 160 -12.51 22.83 19.53
CA LYS A 160 -13.08 23.85 20.40
C LYS A 160 -12.47 23.77 21.80
N GLU A 161 -12.38 22.57 22.36
CA GLU A 161 -11.84 22.40 23.71
C GLU A 161 -10.36 22.75 23.78
N ALA A 162 -9.63 22.67 22.66
CA ALA A 162 -8.22 23.06 22.67
C ALA A 162 -8.02 24.58 22.66
N GLY A 163 -9.07 25.36 22.52
CA GLY A 163 -8.94 26.81 22.55
C GLY A 163 -8.66 27.49 21.23
N PHE A 164 -8.86 26.81 20.11
CA PHE A 164 -8.73 27.49 18.82
C PHE A 164 -9.83 28.54 18.66
N ASP A 165 -9.56 29.53 17.81
CA ASP A 165 -10.51 30.59 17.61
C ASP A 165 -11.62 30.16 16.64
N GLN A 166 -12.65 31.02 16.55
CA GLN A 166 -13.83 30.71 15.75
C GLN A 166 -13.51 30.51 14.29
N GLU A 167 -12.54 31.24 13.75
CA GLU A 167 -12.14 31.05 12.37
C GLU A 167 -11.67 29.61 12.12
N THR A 168 -10.84 29.07 13.01
CA THR A 168 -10.37 27.70 12.83
C THR A 168 -11.49 26.70 13.08
N ILE A 169 -12.36 26.98 14.06
CA ILE A 169 -13.50 26.10 14.30
C ILE A 169 -14.38 26.01 13.07
N ASP A 170 -14.67 27.15 12.42
CA ASP A 170 -15.51 27.14 11.22
C ASP A 170 -14.83 26.41 10.06
N LEU A 171 -13.50 26.53 9.95
CA LEU A 171 -12.79 25.79 8.91
C LEU A 171 -12.86 24.29 9.14
N VAL A 172 -12.60 23.89 10.38
CA VAL A 172 -12.66 22.47 10.77
C VAL A 172 -14.08 21.92 10.62
N ASP A 173 -15.08 22.72 11.00
CA ASP A 173 -16.48 22.37 10.77
C ASP A 173 -16.72 22.04 9.30
N ALA A 174 -16.36 22.98 8.42
CA ALA A 174 -16.50 22.75 6.98
C ALA A 174 -15.76 21.50 6.55
N PHE A 175 -14.51 21.34 7.01
CA PHE A 175 -13.69 20.20 6.59
C PHE A 175 -14.36 18.87 6.94
N TRP A 176 -14.90 18.78 8.16
CA TRP A 176 -15.50 17.51 8.58
C TRP A 176 -16.94 17.34 8.10
N CYS A 177 -17.63 18.42 7.73
CA CYS A 177 -18.86 18.24 6.95
C CYS A 177 -18.57 17.42 5.69
N ALA A 178 -17.47 17.73 5.01
CA ALA A 178 -17.09 16.95 3.84
C ALA A 178 -16.59 15.57 4.24
N GLY A 179 -15.71 15.52 5.25
CA GLY A 179 -15.08 14.25 5.62
C GLY A 179 -16.04 13.24 6.21
N TYR A 180 -16.95 13.68 7.10
CA TYR A 180 -17.99 12.78 7.59
C TYR A 180 -19.17 12.65 6.62
N ILE A 181 -19.10 13.36 5.48
CA ILE A 181 -20.14 13.45 4.44
C ILE A 181 -21.54 13.42 5.08
N GLY A 182 -21.74 14.33 6.01
CA GLY A 182 -22.90 14.35 6.88
C GLY A 182 -22.64 15.27 8.05
N ASP A 183 -23.58 15.27 8.99
CA ASP A 183 -23.48 16.15 10.16
C ASP A 183 -22.26 15.75 10.98
N PRO A 184 -21.21 16.57 11.02
CA PRO A 184 -20.01 16.15 11.74
C PRO A 184 -20.21 16.16 13.25
N TYR A 185 -21.21 16.89 13.74
CA TYR A 185 -21.41 16.98 15.19
C TYR A 185 -22.00 15.70 15.77
N THR A 186 -22.55 14.82 14.95
CA THR A 186 -23.01 13.52 15.41
C THR A 186 -21.97 12.42 15.21
N GLY A 187 -20.79 12.76 14.67
CA GLY A 187 -19.79 11.77 14.33
C GLY A 187 -18.84 11.41 15.47
N SER A 188 -18.19 10.25 15.31
CA SER A 188 -17.20 9.74 16.26
C SER A 188 -15.83 10.29 15.90
N ALA A 189 -15.17 10.92 16.88
CA ALA A 189 -13.83 11.45 16.66
C ALA A 189 -12.81 10.35 16.39
N LEU A 190 -13.08 9.11 16.80
CA LEU A 190 -12.13 8.04 16.53
C LEU A 190 -11.96 7.78 15.04
N MET A 191 -12.99 8.08 14.23
CA MET A 191 -12.80 7.92 12.79
C MET A 191 -11.66 8.81 12.31
N ALA A 192 -11.69 10.08 12.70
CA ALA A 192 -10.65 11.03 12.30
C ALA A 192 -9.29 10.64 12.84
N LYS A 193 -9.23 10.15 14.08
CA LYS A 193 -7.94 9.72 14.64
C LYS A 193 -7.35 8.54 13.88
N GLN A 194 -8.19 7.62 13.39
CA GLN A 194 -7.65 6.50 12.63
C GLN A 194 -7.17 6.94 11.26
N TRP A 195 -7.89 7.85 10.62
CA TRP A 195 -7.39 8.49 9.39
C TRP A 195 -6.00 9.06 9.62
N GLY A 196 -5.81 9.74 10.75
CA GLY A 196 -4.49 10.22 11.10
C GLY A 196 -3.47 9.09 11.16
N ALA A 197 -3.82 8.01 11.86
CA ALA A 197 -2.90 6.90 12.06
C ALA A 197 -2.51 6.23 10.75
N LEU A 198 -3.45 6.17 9.81
CA LEU A 198 -3.23 5.62 8.48
C LEU A 198 -2.45 6.57 7.58
N SER A 199 -2.21 7.81 8.02
CA SER A 199 -1.60 8.87 7.23
C SER A 199 -0.35 9.40 7.91
N ASP A 200 0.34 8.56 8.70
CA ASP A 200 1.55 8.96 9.42
C ASP A 200 1.29 10.18 10.33
N ASN A 201 0.03 10.35 10.75
CA ASN A 201 -0.38 11.43 11.66
C ASN A 201 -0.02 12.82 11.13
N ARG A 202 -0.07 13.00 9.82
CA ARG A 202 0.18 14.30 9.23
C ARG A 202 -0.93 14.66 8.27
N TYR A 203 -1.47 15.87 8.45
CA TYR A 203 -2.57 16.36 7.62
C TYR A 203 -2.24 16.26 6.13
N ARG A 204 -1.04 16.70 5.75
CA ARG A 204 -0.69 16.72 4.33
C ARG A 204 -0.74 15.32 3.73
N VAL A 205 -0.26 14.32 4.46
CA VAL A 205 -0.33 12.95 3.97
C VAL A 205 -1.78 12.49 3.87
N MET A 206 -2.60 12.82 4.88
CA MET A 206 -4.00 12.42 4.84
C MET A 206 -4.71 13.01 3.63
N GLU A 207 -4.39 14.27 3.29
CA GLU A 207 -4.99 14.88 2.10
C GLU A 207 -4.37 14.34 0.83
N ASP A 208 -3.07 14.00 0.85
CA ASP A 208 -2.46 13.34 -0.30
C ASP A 208 -3.14 12.02 -0.59
N ILE A 209 -3.49 11.27 0.44
CA ILE A 209 -4.07 9.94 0.24
C ILE A 209 -5.51 10.03 -0.27
N THR A 210 -6.30 10.97 0.26
CA THR A 210 -7.75 10.95 0.03
C THR A 210 -8.25 12.02 -0.93
N LEU A 211 -7.43 13.00 -1.30
CA LEU A 211 -7.98 14.15 -2.01
C LEU A 211 -7.03 14.72 -3.05
N LYS A 212 -6.15 13.89 -3.63
CA LYS A 212 -5.15 14.44 -4.54
C LYS A 212 -5.12 13.78 -5.93
N TRP A 213 -4.88 12.46 -5.98
CA TRP A 213 -4.59 11.76 -7.23
C TRP A 213 -5.86 11.13 -7.79
N LYS A 214 -6.19 11.48 -9.04
CA LYS A 214 -7.34 10.97 -9.78
C LYS A 214 -6.88 9.98 -10.85
N LEU A 215 -7.74 9.02 -11.19
CA LEU A 215 -7.46 8.08 -12.27
C LEU A 215 -7.83 8.71 -13.61
N ASN A 216 -6.84 8.88 -14.50
CA ASN A 216 -7.12 9.45 -15.82
C ASN A 216 -8.24 8.70 -16.53
N ASN A 217 -8.26 7.38 -16.37
CA ASN A 217 -9.24 6.53 -17.01
C ASN A 217 -10.37 6.15 -16.08
N GLY A 218 -10.46 6.79 -14.92
CA GLY A 218 -11.60 6.60 -14.03
C GLY A 218 -11.54 5.30 -13.24
N MET A 219 -12.36 5.28 -12.18
CA MET A 219 -12.57 4.06 -11.41
C MET A 219 -13.02 2.91 -12.30
N ARG A 220 -13.74 3.20 -13.38
CA ARG A 220 -14.19 2.13 -14.27
C ARG A 220 -13.03 1.35 -14.87
N SER A 221 -11.86 1.98 -15.06
CA SER A 221 -10.70 1.22 -15.52
C SER A 221 -10.38 0.08 -14.55
N LEU A 222 -10.62 0.29 -13.26
CA LEU A 222 -10.39 -0.75 -12.27
C LEU A 222 -11.55 -1.73 -12.17
N TYR A 223 -12.80 -1.24 -12.06
CA TYR A 223 -13.86 -2.22 -11.85
C TYR A 223 -14.21 -2.97 -13.13
N ASP A 224 -14.08 -2.34 -14.31
CA ASP A 224 -14.17 -3.11 -15.54
C ASP A 224 -13.00 -4.07 -15.68
N GLY A 225 -11.82 -3.70 -15.20
CA GLY A 225 -10.69 -4.64 -15.19
C GLY A 225 -11.01 -5.89 -14.40
N ILE A 226 -11.48 -5.73 -13.15
CA ILE A 226 -11.80 -6.90 -12.35
C ILE A 226 -12.90 -7.73 -13.01
N ALA A 227 -13.96 -7.06 -13.48
CA ALA A 227 -15.06 -7.79 -14.09
C ALA A 227 -14.59 -8.57 -15.31
N GLY A 228 -13.69 -7.99 -16.11
CA GLY A 228 -13.12 -8.68 -17.25
C GLY A 228 -12.33 -9.93 -16.89
N ASP A 229 -11.84 -10.04 -15.66
CA ASP A 229 -11.13 -11.25 -15.23
C ASP A 229 -12.07 -12.39 -14.86
N LEU A 230 -13.36 -12.10 -14.63
CA LEU A 230 -14.27 -13.10 -14.10
C LEU A 230 -14.74 -14.03 -15.21
N ASN A 231 -14.68 -15.34 -14.98
CA ASN A 231 -15.15 -16.30 -15.97
C ASN A 231 -16.64 -16.58 -15.86
N THR A 232 -17.34 -15.94 -14.93
CA THR A 232 -18.78 -16.13 -14.74
C THR A 232 -19.49 -14.81 -14.95
N ASP A 233 -20.49 -14.81 -15.83
CA ASP A 233 -21.21 -13.58 -16.16
C ASP A 233 -21.94 -13.03 -14.94
N ILE A 234 -21.86 -11.73 -14.76
CA ILE A 234 -22.59 -11.06 -13.69
C ILE A 234 -24.06 -10.98 -14.07
N ARG A 235 -24.95 -11.29 -13.13
CA ARG A 235 -26.39 -11.20 -13.37
C ARG A 235 -26.84 -9.80 -12.97
N LEU A 236 -26.94 -8.91 -13.95
CA LEU A 236 -27.47 -7.57 -13.74
C LEU A 236 -28.98 -7.60 -13.61
N ASN A 237 -29.56 -6.48 -13.16
CA ASN A 237 -31.02 -6.32 -13.01
C ASN A 237 -31.62 -7.46 -12.21
N THR A 238 -30.90 -7.90 -11.18
CA THR A 238 -31.29 -9.06 -10.37
C THR A 238 -31.15 -8.69 -8.90
N PRO A 239 -32.08 -7.88 -8.38
CA PRO A 239 -32.05 -7.55 -6.96
C PRO A 239 -32.38 -8.77 -6.10
N VAL A 240 -31.63 -8.92 -5.02
CA VAL A 240 -31.95 -9.92 -4.00
C VAL A 240 -32.99 -9.35 -3.05
N ALA A 241 -34.03 -10.15 -2.74
CA ALA A 241 -35.05 -9.73 -1.79
C ALA A 241 -34.98 -10.45 -0.46
N LYS A 242 -34.47 -11.68 -0.41
CA LYS A 242 -34.38 -12.42 0.85
C LYS A 242 -33.13 -13.28 0.85
N VAL A 243 -32.56 -13.45 2.04
CA VAL A 243 -31.41 -14.29 2.27
C VAL A 243 -31.75 -15.23 3.40
N GLU A 244 -31.75 -16.54 3.12
CA GLU A 244 -31.87 -17.53 4.17
C GLU A 244 -30.48 -18.11 4.45
N HIS A 245 -30.14 -18.20 5.74
CA HIS A 245 -28.78 -18.59 6.13
C HIS A 245 -28.81 -19.45 7.39
N HIS A 246 -29.65 -20.48 7.39
CA HIS A 246 -29.57 -21.51 8.42
C HIS A 246 -28.44 -22.48 8.12
N ASP A 247 -28.05 -23.23 9.16
CA ASP A 247 -26.84 -24.07 9.12
C ASP A 247 -26.82 -25.02 7.93
N ASN A 248 -27.98 -25.59 7.58
CA ASN A 248 -28.09 -26.52 6.47
C ASN A 248 -27.38 -26.00 5.22
N GLY A 249 -27.61 -24.74 4.88
CA GLY A 249 -27.13 -24.14 3.65
C GLY A 249 -27.90 -22.86 3.42
N ALA A 250 -27.38 -21.98 2.58
CA ALA A 250 -28.02 -20.71 2.32
C ALA A 250 -28.91 -20.77 1.09
N THR A 251 -29.87 -19.84 1.05
CA THR A 251 -30.80 -19.67 -0.05
C THR A 251 -30.98 -18.18 -0.29
N VAL A 252 -31.03 -17.78 -1.55
CA VAL A 252 -31.24 -16.39 -1.92
C VAL A 252 -32.45 -16.31 -2.84
N THR A 253 -33.38 -15.42 -2.53
CA THR A 253 -34.55 -15.19 -3.36
C THR A 253 -34.45 -13.83 -4.02
N THR A 254 -34.60 -13.79 -5.34
CA THR A 254 -34.56 -12.51 -6.03
C THR A 254 -35.93 -11.82 -5.94
N GLU A 255 -35.98 -10.59 -6.45
CA GLU A 255 -37.25 -9.87 -6.44
C GLU A 255 -38.29 -10.53 -7.32
N SER A 256 -37.88 -11.23 -8.37
CA SER A 256 -38.83 -11.91 -9.23
C SER A 256 -39.28 -13.24 -8.65
N GLY A 257 -38.75 -13.65 -7.50
CA GLY A 257 -39.14 -14.89 -6.87
C GLY A 257 -38.24 -16.07 -7.14
N GLU A 258 -37.22 -15.90 -7.98
CA GLU A 258 -36.29 -16.98 -8.26
C GLU A 258 -35.49 -17.31 -7.00
N VAL A 259 -35.42 -18.61 -6.67
CA VAL A 259 -34.74 -19.08 -5.49
C VAL A 259 -33.44 -19.75 -5.93
N ILE A 260 -32.32 -19.31 -5.35
CA ILE A 260 -30.98 -19.80 -5.71
C ILE A 260 -30.32 -20.39 -4.47
N GLU A 261 -29.94 -21.67 -4.54
CA GLU A 261 -29.28 -22.30 -3.41
C GLU A 261 -27.80 -21.96 -3.39
N ALA A 262 -27.24 -21.77 -2.19
CA ALA A 262 -25.86 -21.35 -2.05
C ALA A 262 -25.21 -22.10 -0.90
N SER A 263 -23.90 -22.35 -1.05
CA SER A 263 -23.11 -22.80 0.09
C SER A 263 -22.87 -21.66 1.07
N ALA A 264 -22.67 -20.45 0.57
CA ALA A 264 -22.52 -19.28 1.42
C ALA A 264 -22.94 -18.05 0.62
N VAL A 265 -23.24 -16.98 1.33
CA VAL A 265 -23.64 -15.72 0.71
C VAL A 265 -22.68 -14.63 1.17
N ILE A 266 -22.14 -13.88 0.25
CA ILE A 266 -21.34 -12.71 0.60
C ILE A 266 -22.17 -11.51 0.21
N CYS A 267 -22.61 -10.74 1.21
CA CYS A 267 -23.54 -9.64 0.98
C CYS A 267 -22.77 -8.32 1.08
N THR A 268 -22.67 -7.61 -0.03
CA THR A 268 -21.96 -6.33 -0.06
C THR A 268 -22.92 -5.14 -0.07
N VAL A 269 -24.22 -5.38 0.09
CA VAL A 269 -25.22 -4.30 0.14
C VAL A 269 -24.91 -3.37 1.30
N PRO A 270 -24.83 -2.06 1.09
CA PRO A 270 -24.51 -1.14 2.18
C PRO A 270 -25.66 -1.05 3.18
N VAL A 271 -25.28 -0.64 4.40
CA VAL A 271 -26.25 -0.49 5.49
C VAL A 271 -27.45 0.35 5.06
N GLY A 272 -27.22 1.41 4.29
CA GLY A 272 -28.32 2.25 3.86
C GLY A 272 -29.33 1.55 2.98
N ALA A 273 -28.98 0.39 2.45
CA ALA A 273 -29.87 -0.38 1.58
C ALA A 273 -30.20 -1.77 2.13
N LEU A 274 -29.74 -2.12 3.33
CA LEU A 274 -29.96 -3.47 3.83
C LEU A 274 -31.42 -3.73 4.20
N SER A 275 -32.20 -2.68 4.44
CA SER A 275 -33.62 -2.87 4.75
C SER A 275 -34.42 -3.39 3.56
N ASN A 276 -33.85 -3.38 2.34
CA ASN A 276 -34.52 -3.99 1.20
C ASN A 276 -34.54 -5.52 1.27
N ILE A 277 -33.71 -6.11 2.13
CA ILE A 277 -33.52 -7.55 2.16
C ILE A 277 -34.09 -8.10 3.45
N GLU A 278 -34.90 -9.15 3.34
CA GLU A 278 -35.36 -9.90 4.50
C GLU A 278 -34.37 -11.02 4.80
N PHE A 279 -33.85 -11.05 6.03
CA PHE A 279 -32.90 -12.08 6.45
C PHE A 279 -33.60 -13.08 7.36
N SER A 280 -33.45 -14.36 7.07
CA SER A 280 -33.94 -15.42 7.95
C SER A 280 -32.80 -16.40 8.24
N PRO A 281 -32.35 -16.53 9.50
CA PRO A 281 -32.83 -15.78 10.67
C PRO A 281 -32.48 -14.29 10.65
N ALA A 282 -33.17 -13.52 11.50
CA ALA A 282 -32.91 -12.08 11.57
C ALA A 282 -31.47 -11.81 12.02
N LEU A 283 -30.92 -10.69 11.57
CA LEU A 283 -29.57 -10.33 11.95
C LEU A 283 -29.49 -10.07 13.44
N PRO A 284 -28.30 -10.19 14.03
CA PRO A 284 -28.12 -9.91 15.46
C PRO A 284 -28.66 -8.52 15.82
N ASP A 285 -29.16 -8.40 17.06
CA ASP A 285 -29.76 -7.14 17.50
C ASP A 285 -28.81 -5.97 17.34
N ALA A 286 -27.53 -6.18 17.68
CA ALA A 286 -26.57 -5.08 17.60
C ALA A 286 -26.35 -4.65 16.15
N VAL A 287 -26.43 -5.59 15.21
CA VAL A 287 -26.34 -5.25 13.81
C VAL A 287 -27.57 -4.47 13.38
N GLN A 288 -28.75 -4.93 13.80
CA GLN A 288 -29.99 -4.23 13.45
C GLN A 288 -30.00 -2.80 13.97
N SER A 289 -29.40 -2.57 15.14
CA SER A 289 -29.37 -1.22 15.69
C SER A 289 -28.54 -0.28 14.81
N VAL A 290 -27.44 -0.80 14.25
CA VAL A 290 -26.64 -0.02 13.31
C VAL A 290 -27.42 0.26 12.04
N ILE A 291 -28.10 -0.75 11.50
CA ILE A 291 -28.90 -0.56 10.31
C ILE A 291 -30.00 0.48 10.56
N ASP A 292 -30.62 0.44 11.74
CA ASP A 292 -31.68 1.41 12.05
C ASP A 292 -31.11 2.82 12.18
N ASP A 293 -29.96 2.94 12.83
CA ASP A 293 -29.30 4.23 12.99
C ASP A 293 -28.33 4.47 11.82
N LYS A 294 -28.16 3.45 10.99
CA LYS A 294 -27.28 3.50 9.82
C LYS A 294 -25.85 3.97 10.14
N TRP A 295 -25.28 4.73 9.23
CA TRP A 295 -23.92 5.25 9.40
C TRP A 295 -23.91 6.75 9.13
N ASN A 296 -22.76 7.38 9.36
CA ASN A 296 -22.62 8.81 9.14
C ASN A 296 -22.35 9.13 7.67
N SER A 297 -23.40 9.18 6.87
CA SER A 297 -23.27 9.47 5.44
C SER A 297 -24.57 9.97 4.82
N GLN A 298 -25.03 11.14 5.25
CA GLN A 298 -26.25 11.72 4.71
C GLN A 298 -25.98 12.84 3.71
N GLY A 299 -24.72 13.08 3.36
CA GLY A 299 -24.35 14.19 2.49
C GLY A 299 -24.41 13.86 1.02
N ALA A 300 -23.72 14.67 0.20
CA ALA A 300 -23.83 14.50 -1.24
C ALA A 300 -22.64 15.15 -1.93
N LYS A 301 -22.40 14.74 -3.17
CA LYS A 301 -21.28 15.21 -3.97
C LYS A 301 -21.78 15.81 -5.29
N ILE A 302 -21.36 17.04 -5.57
CA ILE A 302 -21.82 17.78 -6.74
C ILE A 302 -20.64 18.04 -7.66
N TRP A 303 -20.95 18.18 -8.96
CA TRP A 303 -20.03 18.72 -9.96
C TRP A 303 -20.67 19.95 -10.58
N ILE A 304 -19.99 21.10 -10.46
CA ILE A 304 -20.52 22.38 -10.89
C ILE A 304 -19.63 22.93 -12.00
N LYS A 305 -20.26 23.43 -13.07
CA LYS A 305 -19.53 24.05 -14.16
C LYS A 305 -19.82 25.55 -14.17
N ILE A 306 -18.77 26.37 -14.14
CA ILE A 306 -18.89 27.82 -14.16
C ILE A 306 -18.19 28.38 -15.39
N LYS A 307 -18.54 29.61 -15.74
CA LYS A 307 -17.88 30.29 -16.86
C LYS A 307 -16.48 30.73 -16.47
N GLY A 308 -15.56 30.67 -17.43
CA GLY A 308 -14.19 31.08 -17.23
C GLY A 308 -13.32 29.98 -16.64
N HIS A 309 -12.01 30.22 -16.62
CA HIS A 309 -11.04 29.34 -15.99
C HIS A 309 -10.69 29.95 -14.64
N HIS A 310 -11.08 29.29 -13.56
CA HIS A 310 -10.90 29.84 -12.22
C HIS A 310 -10.33 28.78 -11.31
N ARG A 311 -9.23 29.12 -10.62
CA ARG A 311 -8.61 28.25 -9.63
C ARG A 311 -9.22 28.61 -8.28
N PHE A 312 -10.19 27.81 -7.86
CA PHE A 312 -11.06 28.18 -6.75
C PHE A 312 -11.06 27.09 -5.69
N LEU A 313 -11.01 27.50 -4.42
CA LEU A 313 -11.24 26.61 -3.28
C LEU A 313 -12.11 27.34 -2.28
N GLY A 314 -13.18 26.69 -1.83
CA GLY A 314 -14.12 27.31 -0.89
C GLY A 314 -14.48 26.36 0.22
N TYR A 315 -14.48 26.89 1.45
CA TYR A 315 -14.91 26.18 2.64
C TYR A 315 -16.06 26.92 3.30
N ALA A 316 -17.08 26.17 3.75
CA ALA A 316 -18.15 26.82 4.53
C ALA A 316 -18.72 25.83 5.54
N PRO A 317 -19.05 26.27 6.75
CA PRO A 317 -19.52 25.35 7.79
C PRO A 317 -20.98 24.97 7.60
N LYS A 318 -21.38 23.94 8.34
CA LYS A 318 -22.78 23.58 8.47
C LYS A 318 -23.57 24.82 8.86
N PRO A 319 -24.76 25.06 8.26
CA PRO A 319 -25.50 24.17 7.37
C PRO A 319 -25.40 24.51 5.87
N ALA A 320 -24.24 24.94 5.40
CA ALA A 320 -24.09 25.29 4.00
C ALA A 320 -24.50 24.13 3.08
N LYS A 321 -25.07 24.48 1.92
CA LYS A 321 -25.36 23.50 0.88
C LYS A 321 -24.14 22.66 0.53
N MET A 322 -22.97 23.29 0.40
CA MET A 322 -21.72 22.58 0.16
C MET A 322 -20.66 23.16 1.07
N SER A 323 -19.86 22.29 1.68
CA SER A 323 -18.86 22.71 2.66
C SER A 323 -17.44 22.78 2.12
N VAL A 324 -17.11 21.99 1.10
CA VAL A 324 -15.81 22.07 0.42
C VAL A 324 -16.06 22.02 -1.08
N VAL A 325 -15.57 23.05 -1.80
CA VAL A 325 -15.71 23.13 -3.26
C VAL A 325 -14.36 23.51 -3.85
N ARG A 326 -13.94 22.79 -4.91
CA ARG A 326 -12.61 22.99 -5.46
C ARG A 326 -12.60 22.80 -6.98
N SER A 327 -11.84 23.63 -7.67
CA SER A 327 -11.65 23.45 -9.11
C SER A 327 -11.01 22.09 -9.39
N GLU A 328 -11.47 21.42 -10.44
CA GLU A 328 -10.92 20.12 -10.81
C GLU A 328 -10.54 20.02 -12.28
N TYR A 329 -11.31 20.63 -13.18
CA TYR A 329 -11.02 20.54 -14.60
C TYR A 329 -11.22 21.89 -15.25
N PHE A 330 -10.28 22.26 -16.11
CA PHE A 330 -10.39 23.48 -16.91
C PHE A 330 -10.72 23.05 -18.33
N MET A 331 -11.95 23.34 -18.77
CA MET A 331 -12.50 22.77 -19.99
C MET A 331 -12.15 23.61 -21.21
N ASP A 332 -12.29 23.00 -22.38
CA ASP A 332 -11.83 23.61 -23.62
C ASP A 332 -12.74 24.75 -24.10
N ASP A 333 -13.99 24.79 -23.64
CA ASP A 333 -14.88 25.90 -23.98
C ASP A 333 -14.81 27.03 -22.96
N ASP A 334 -13.67 27.21 -22.30
CA ASP A 334 -13.49 28.29 -21.34
C ASP A 334 -14.49 28.18 -20.19
N THR A 335 -14.56 27.00 -19.58
CA THR A 335 -15.36 26.78 -18.39
C THR A 335 -14.51 25.99 -17.39
N THR A 336 -14.94 26.00 -16.13
CA THR A 336 -14.28 25.24 -15.08
C THR A 336 -15.30 24.29 -14.47
N ILE A 337 -14.90 23.04 -14.24
CA ILE A 337 -15.71 22.10 -13.48
C ILE A 337 -15.10 21.99 -12.09
N LEU A 338 -15.93 22.23 -11.08
CA LEU A 338 -15.55 22.13 -9.67
C LEU A 338 -16.27 20.95 -9.02
N VAL A 339 -15.65 20.39 -8.01
CA VAL A 339 -16.26 19.32 -7.23
C VAL A 339 -16.70 19.92 -5.89
N GLY A 340 -17.76 19.38 -5.32
CA GLY A 340 -18.23 19.85 -4.02
C GLY A 340 -18.77 18.72 -3.17
N PHE A 341 -18.60 18.87 -1.85
CA PHE A 341 -19.12 17.92 -0.88
C PHE A 341 -19.94 18.71 0.14
N GLY A 342 -21.14 18.23 0.43
CA GLY A 342 -22.02 18.89 1.38
C GLY A 342 -22.59 17.90 2.37
N TYR A 343 -22.94 18.41 3.55
CA TYR A 343 -23.34 17.54 4.65
C TYR A 343 -24.77 17.04 4.56
N ASP A 344 -25.62 17.61 3.71
CA ASP A 344 -27.05 17.27 3.76
C ASP A 344 -27.61 17.11 2.35
N ASN A 345 -27.81 15.84 1.93
CA ASN A 345 -28.30 15.57 0.58
C ASN A 345 -29.65 16.23 0.34
N THR A 346 -30.46 16.41 1.39
CA THR A 346 -31.80 16.95 1.16
C THR A 346 -31.83 18.46 1.02
N ASN A 347 -30.71 19.16 1.24
CA ASN A 347 -30.70 20.62 1.10
C ASN A 347 -30.10 21.07 -0.22
N ILE A 348 -29.84 20.13 -1.14
CA ILE A 348 -29.19 20.46 -2.41
C ILE A 348 -29.75 19.58 -3.50
N ASP A 349 -30.17 20.20 -4.60
CA ASP A 349 -30.53 19.49 -5.82
C ASP A 349 -29.31 19.54 -6.73
N LEU A 350 -28.62 18.40 -6.86
CA LEU A 350 -27.34 18.34 -7.54
C LEU A 350 -27.44 18.68 -9.02
N ASN A 351 -28.64 18.67 -9.57
CA ASN A 351 -28.85 18.90 -11.00
C ASN A 351 -29.58 20.21 -11.28
N SER A 352 -29.69 21.08 -10.28
CA SER A 352 -30.39 22.36 -10.44
C SER A 352 -29.36 23.47 -10.55
N ILE A 353 -29.37 24.18 -11.68
CA ILE A 353 -28.40 25.26 -11.88
C ILE A 353 -28.56 26.33 -10.82
N GLU A 354 -29.79 26.61 -10.37
CA GLU A 354 -29.97 27.64 -9.35
C GLU A 354 -29.42 27.19 -8.01
N ASP A 355 -29.54 25.90 -7.68
CA ASP A 355 -28.95 25.41 -6.45
C ASP A 355 -27.42 25.46 -6.50
N ALA A 356 -26.84 25.06 -7.64
CA ALA A 356 -25.39 25.17 -7.78
C ALA A 356 -24.93 26.62 -7.72
N GLN A 357 -25.72 27.53 -8.29
CA GLN A 357 -25.38 28.95 -8.20
C GLN A 357 -25.40 29.42 -6.75
N ALA A 358 -26.38 28.97 -5.97
CA ALA A 358 -26.41 29.30 -4.55
C ALA A 358 -25.16 28.80 -3.84
N VAL A 359 -24.64 27.64 -4.27
CA VAL A 359 -23.41 27.12 -3.67
C VAL A 359 -22.26 28.08 -3.95
N ILE A 360 -22.06 28.44 -5.22
CA ILE A 360 -20.99 29.35 -5.57
C ILE A 360 -21.16 30.70 -4.87
N ASN A 361 -22.40 31.17 -4.75
CA ASN A 361 -22.70 32.43 -4.09
C ASN A 361 -22.34 32.44 -2.61
N GLN A 362 -22.06 31.28 -2.02
CA GLN A 362 -21.58 31.26 -0.64
C GLN A 362 -20.28 32.04 -0.50
N TRP A 363 -19.50 32.12 -1.58
CA TRP A 363 -18.17 32.73 -1.57
C TRP A 363 -18.01 33.88 -2.55
N ARG A 364 -18.54 33.74 -3.77
CA ARG A 364 -18.30 34.71 -4.83
C ARG A 364 -19.57 34.81 -5.67
N ASP A 365 -20.30 35.91 -5.55
CA ASP A 365 -21.50 36.07 -6.36
C ASP A 365 -21.22 36.56 -7.77
N ASP A 366 -19.95 36.74 -8.15
CA ASP A 366 -19.60 37.16 -9.49
C ASP A 366 -19.28 36.00 -10.43
N LEU A 367 -19.24 34.77 -9.94
CA LEU A 367 -19.05 33.62 -10.82
C LEU A 367 -20.41 33.08 -11.27
N GLU A 368 -20.46 32.55 -12.49
CA GLU A 368 -21.73 32.17 -13.12
C GLU A 368 -21.76 30.68 -13.44
N VAL A 369 -22.68 29.95 -12.80
CA VAL A 369 -22.89 28.54 -13.08
C VAL A 369 -23.62 28.39 -14.41
N VAL A 370 -23.14 27.49 -15.25
CA VAL A 370 -23.81 27.16 -16.51
C VAL A 370 -24.27 25.71 -16.59
N ASP A 371 -23.87 24.85 -15.65
CA ASP A 371 -24.28 23.46 -15.67
C ASP A 371 -23.92 22.89 -14.31
N THR A 372 -24.58 21.78 -13.97
CA THR A 372 -24.30 21.09 -12.71
C THR A 372 -24.85 19.67 -12.81
N THR A 373 -24.24 18.76 -12.04
CA THR A 373 -24.66 17.36 -12.10
C THR A 373 -24.24 16.64 -10.83
N GLY A 374 -24.89 15.52 -10.57
CA GLY A 374 -24.54 14.67 -9.45
C GLY A 374 -25.53 13.55 -9.36
N HIS A 375 -25.16 12.53 -8.57
CA HIS A 375 -26.06 11.41 -8.25
C HIS A 375 -26.28 11.40 -6.74
N ASN A 376 -27.54 11.52 -6.32
CA ASN A 376 -27.87 11.56 -4.90
C ASN A 376 -27.90 10.12 -4.39
N TRP A 377 -26.73 9.63 -3.96
CA TRP A 377 -26.61 8.27 -3.45
C TRP A 377 -27.56 8.00 -2.30
N VAL A 378 -27.82 9.01 -1.45
CA VAL A 378 -28.65 8.76 -0.28
C VAL A 378 -30.08 8.39 -0.70
N ALA A 379 -30.57 9.03 -1.77
CA ALA A 379 -31.91 8.77 -2.30
C ALA A 379 -31.95 7.61 -3.30
N ASP A 380 -30.82 6.93 -3.48
CA ASP A 380 -30.70 5.76 -4.34
C ASP A 380 -30.97 4.54 -3.48
N LYS A 381 -32.05 3.80 -3.81
CA LYS A 381 -32.48 2.72 -2.93
C LYS A 381 -31.44 1.60 -2.83
N TRP A 382 -30.53 1.50 -3.78
CA TRP A 382 -29.51 0.46 -3.71
C TRP A 382 -28.24 0.92 -2.99
N ALA A 383 -28.22 2.17 -2.51
CA ALA A 383 -27.12 2.67 -1.68
C ALA A 383 -27.65 3.21 -0.35
N GLY A 384 -28.46 4.25 -0.39
CA GLY A 384 -29.05 4.82 0.77
C GLY A 384 -28.08 5.58 1.67
N GLN A 385 -26.90 5.83 1.14
CA GLN A 385 -25.86 6.54 1.80
C GLN A 385 -24.81 6.94 0.77
N ALA A 386 -23.91 7.78 1.20
CA ALA A 386 -22.71 8.16 0.46
C ALA A 386 -21.59 7.19 0.92
N TRP A 387 -20.42 7.66 1.24
CA TRP A 387 -19.40 6.74 1.78
C TRP A 387 -19.66 6.52 3.27
N GLY A 388 -19.40 5.33 3.77
CA GLY A 388 -19.71 5.05 5.17
C GLY A 388 -18.85 5.88 6.12
N THR A 389 -19.50 6.58 7.06
CA THR A 389 -18.83 7.30 8.13
C THR A 389 -19.54 7.04 9.46
N LEU A 390 -18.82 7.28 10.55
CA LEU A 390 -19.18 6.76 11.86
C LEU A 390 -19.88 7.81 12.73
N ARG A 391 -21.06 7.46 13.23
CA ARG A 391 -21.67 8.20 14.31
C ARG A 391 -20.97 7.87 15.63
N LYS A 392 -21.16 8.74 16.63
CA LYS A 392 -20.71 8.45 17.98
C LYS A 392 -21.09 7.03 18.38
N GLY A 393 -20.12 6.28 18.94
CA GLY A 393 -20.36 4.93 19.38
C GLY A 393 -20.18 3.86 18.32
N GLN A 394 -20.07 4.22 17.04
CA GLN A 394 -19.98 3.22 15.99
C GLN A 394 -18.55 2.78 15.66
N PHE A 395 -17.55 3.45 16.21
CA PHE A 395 -16.19 2.92 16.06
C PHE A 395 -16.04 1.63 16.84
N THR A 396 -16.52 1.60 18.08
CA THR A 396 -16.36 0.40 18.92
C THR A 396 -17.59 -0.49 18.93
N GLN A 397 -18.77 0.03 18.64
CA GLN A 397 -19.99 -0.79 18.58
C GLN A 397 -20.73 -0.51 17.28
N GLY A 398 -20.02 -0.66 16.18
CA GLY A 398 -20.62 -0.35 14.89
C GLY A 398 -20.13 -1.25 13.77
N TRP A 399 -19.08 -0.81 13.08
CA TRP A 399 -18.63 -1.50 11.87
C TRP A 399 -18.13 -2.90 12.16
N SER A 400 -17.60 -3.14 13.36
CA SER A 400 -17.01 -4.43 13.66
C SER A 400 -18.04 -5.51 13.98
N LEU A 401 -19.30 -5.14 14.19
CA LEU A 401 -20.34 -6.10 14.60
C LEU A 401 -20.87 -6.93 13.45
N PHE A 402 -20.46 -6.65 12.22
CA PHE A 402 -20.96 -7.36 11.06
C PHE A 402 -20.16 -8.61 10.72
N ASP A 403 -19.01 -8.79 11.38
CA ASP A 403 -18.25 -10.02 11.22
C ASP A 403 -18.88 -11.12 12.08
N ASP A 404 -18.61 -12.37 11.70
CA ASP A 404 -18.97 -13.53 12.50
C ASP A 404 -20.49 -13.62 12.72
N ILE A 405 -21.24 -13.60 11.62
CA ILE A 405 -22.68 -13.83 11.67
C ILE A 405 -22.95 -15.33 11.83
N ASP A 406 -22.68 -16.10 10.78
CA ASP A 406 -22.65 -17.56 10.86
C ASP A 406 -21.77 -18.04 9.70
N SER A 407 -21.72 -19.35 9.50
CA SER A 407 -20.90 -19.92 8.43
C SER A 407 -21.55 -19.80 7.06
N GLN A 408 -22.77 -19.27 6.98
CA GLN A 408 -23.47 -19.17 5.71
C GLN A 408 -23.58 -17.76 5.16
N LEU A 409 -23.65 -16.77 6.04
CA LEU A 409 -23.76 -15.37 5.61
C LEU A 409 -22.59 -14.53 6.11
N PHE A 410 -21.94 -13.83 5.19
CA PHE A 410 -20.81 -12.97 5.53
C PHE A 410 -20.99 -11.59 4.91
N PHE A 411 -20.70 -10.55 5.68
CA PHE A 411 -20.86 -9.17 5.19
C PHE A 411 -19.51 -8.65 4.74
N ALA A 412 -19.47 -8.08 3.54
CA ALA A 412 -18.27 -7.52 2.98
C ALA A 412 -18.60 -6.18 2.36
N GLY A 413 -17.65 -5.28 2.40
CA GLY A 413 -17.90 -3.93 1.91
C GLY A 413 -16.94 -2.98 2.58
N SER A 414 -16.77 -1.82 1.96
CA SER A 414 -15.84 -0.87 2.53
C SER A 414 -16.23 -0.49 3.95
N ASP A 415 -17.53 -0.48 4.25
CA ASP A 415 -17.97 0.00 5.55
C ASP A 415 -17.52 -0.87 6.70
N TYR A 416 -17.03 -2.10 6.45
CA TYR A 416 -16.60 -3.00 7.51
C TYR A 416 -15.09 -3.26 7.52
N ALA A 417 -14.33 -2.52 6.71
CA ALA A 417 -12.90 -2.77 6.60
C ALA A 417 -12.17 -2.35 7.87
N TYR A 418 -11.02 -2.97 8.10
CA TYR A 418 -10.16 -2.58 9.22
C TYR A 418 -9.42 -1.28 8.95
N GLY A 419 -9.07 -1.02 7.70
CA GLY A 419 -8.20 0.10 7.36
C GLY A 419 -8.97 1.33 6.93
N TRP A 420 -8.92 1.66 5.63
CA TRP A 420 -9.59 2.86 5.10
C TRP A 420 -11.09 2.58 4.92
N ARG A 421 -11.76 2.49 6.06
CA ARG A 421 -13.12 1.99 6.11
C ARG A 421 -14.12 3.01 5.56
N GLY A 422 -14.98 2.57 4.65
CA GLY A 422 -16.09 3.39 4.16
C GLY A 422 -15.69 4.45 3.15
N VAL A 423 -14.74 5.30 3.55
CA VAL A 423 -14.35 6.47 2.76
C VAL A 423 -13.58 6.11 1.49
N CYS A 424 -12.96 4.92 1.42
CA CYS A 424 -12.13 4.60 0.27
C CYS A 424 -12.49 3.27 -0.37
N VAL A 425 -12.31 3.22 -1.69
CA VAL A 425 -12.32 1.96 -2.42
C VAL A 425 -11.33 0.97 -1.80
N ASP A 426 -10.25 1.47 -1.19
CA ASP A 426 -9.30 0.57 -0.53
C ASP A 426 -9.99 -0.34 0.47
N GLY A 427 -10.99 0.20 1.19
CA GLY A 427 -11.69 -0.61 2.17
C GLY A 427 -12.55 -1.68 1.54
N ALA A 428 -13.18 -1.36 0.41
CA ALA A 428 -14.00 -2.36 -0.30
C ALA A 428 -13.12 -3.47 -0.85
N LEU A 429 -11.97 -3.10 -1.42
CA LEU A 429 -11.05 -4.11 -1.95
C LEU A 429 -10.46 -4.94 -0.83
N GLU A 430 -10.06 -4.30 0.28
CA GLU A 430 -9.63 -5.04 1.47
C GLU A 430 -10.68 -6.05 1.90
N LYS A 431 -11.89 -5.57 2.20
CA LYS A 431 -12.84 -6.44 2.90
C LYS A 431 -13.48 -7.45 1.96
N GLY A 432 -13.69 -7.10 0.68
CA GLY A 432 -14.13 -8.10 -0.28
C GLY A 432 -13.16 -9.26 -0.39
N MET A 433 -11.86 -8.95 -0.47
CA MET A 433 -10.85 -10.00 -0.59
C MET A 433 -10.77 -10.84 0.69
N THR A 434 -10.69 -10.21 1.87
CA THR A 434 -10.53 -10.99 3.09
C THR A 434 -11.80 -11.77 3.43
N THR A 435 -12.99 -11.25 3.09
CA THR A 435 -14.21 -12.01 3.28
C THR A 435 -14.23 -13.24 2.37
N ALA A 436 -13.77 -13.11 1.13
CA ALA A 436 -13.60 -14.29 0.30
C ALA A 436 -12.64 -15.29 0.94
N ARG A 437 -11.57 -14.80 1.59
CA ARG A 437 -10.65 -15.73 2.26
C ARG A 437 -11.34 -16.43 3.42
N GLN A 438 -12.23 -15.73 4.14
CA GLN A 438 -13.01 -16.40 5.19
C GLN A 438 -13.78 -17.58 4.64
N VAL A 439 -14.41 -17.39 3.47
CA VAL A 439 -15.16 -18.49 2.84
C VAL A 439 -14.20 -19.58 2.37
N ILE A 440 -13.11 -19.21 1.70
CA ILE A 440 -12.09 -20.18 1.27
C ILE A 440 -11.61 -21.01 2.45
N ASN A 441 -11.27 -20.34 3.55
CA ASN A 441 -10.74 -21.05 4.71
C ASN A 441 -11.78 -22.01 5.28
N SER A 442 -13.04 -21.57 5.35
CA SER A 442 -14.10 -22.42 5.87
C SER A 442 -14.31 -23.64 4.97
N MET A 443 -14.21 -23.45 3.65
CA MET A 443 -14.39 -24.56 2.74
C MET A 443 -13.19 -25.50 2.72
N ARG A 444 -11.99 -25.00 3.02
CA ARG A 444 -10.78 -25.83 3.03
C ARG A 444 -10.74 -26.74 4.25
N LYS B 5 1.89 -24.60 -19.60
CA LYS B 5 2.37 -24.04 -20.87
C LYS B 5 3.14 -22.71 -20.66
N VAL B 6 2.81 -21.88 -19.66
CA VAL B 6 3.73 -20.83 -19.24
C VAL B 6 4.70 -21.43 -18.22
N VAL B 7 6.00 -21.28 -18.47
CA VAL B 7 7.01 -21.80 -17.54
C VAL B 7 7.51 -20.65 -16.69
N ILE B 8 7.40 -20.81 -15.38
CA ILE B 8 7.94 -19.86 -14.42
C ILE B 8 9.21 -20.46 -13.84
N ILE B 9 10.32 -19.73 -13.93
CA ILE B 9 11.59 -20.19 -13.39
C ILE B 9 11.77 -19.52 -12.04
N GLY B 10 11.69 -20.29 -10.97
CA GLY B 10 11.97 -19.79 -9.65
C GLY B 10 10.70 -19.68 -8.83
N ALA B 11 10.74 -20.20 -7.61
CA ALA B 11 9.60 -20.14 -6.71
C ALA B 11 9.88 -19.22 -5.51
N GLY B 12 10.52 -18.08 -5.76
CA GLY B 12 10.48 -16.98 -4.83
C GLY B 12 9.13 -16.28 -4.92
N PHE B 13 9.05 -15.11 -4.27
CA PHE B 13 7.79 -14.37 -4.24
C PHE B 13 7.34 -13.97 -5.65
N ALA B 14 8.27 -13.60 -6.51
CA ALA B 14 7.87 -13.17 -7.85
C ALA B 14 7.28 -14.33 -8.65
N GLY B 15 7.94 -15.49 -8.61
CA GLY B 15 7.42 -16.64 -9.32
C GLY B 15 6.09 -17.14 -8.76
N LEU B 16 5.99 -17.19 -7.42
CA LEU B 16 4.77 -17.66 -6.77
C LEU B 16 3.59 -16.76 -7.10
N VAL B 17 3.77 -15.44 -6.99
CA VAL B 17 2.64 -14.54 -7.23
C VAL B 17 2.29 -14.51 -8.71
N ALA B 18 3.29 -14.67 -9.59
CA ALA B 18 3.02 -14.78 -11.01
C ALA B 18 2.14 -15.99 -11.29
N ALA B 19 2.48 -17.13 -10.67
CA ALA B 19 1.71 -18.35 -10.86
C ALA B 19 0.27 -18.17 -10.40
N ARG B 20 0.07 -17.58 -9.22
CA ARG B 20 -1.30 -17.36 -8.75
C ARG B 20 -2.07 -16.44 -9.69
N GLU B 21 -1.41 -15.44 -10.26
CA GLU B 21 -2.07 -14.53 -11.17
C GLU B 21 -2.49 -15.25 -12.46
N LEU B 22 -1.60 -16.06 -13.02
CA LEU B 22 -1.96 -16.83 -14.20
C LEU B 22 -3.12 -17.78 -13.88
N GLN B 23 -3.09 -18.35 -12.68
CA GLN B 23 -4.15 -19.27 -12.28
C GLN B 23 -5.52 -18.58 -12.28
N THR B 24 -5.56 -17.37 -11.72
CA THR B 24 -6.78 -16.56 -11.76
C THR B 24 -7.29 -16.37 -13.18
N ALA B 25 -6.38 -16.13 -14.13
CA ALA B 25 -6.76 -15.92 -15.52
C ALA B 25 -6.99 -17.21 -16.29
N GLY B 26 -6.91 -18.37 -15.65
CA GLY B 26 -7.17 -19.62 -16.34
C GLY B 26 -6.06 -20.09 -17.26
N ILE B 27 -4.83 -19.63 -17.05
CA ILE B 27 -3.70 -19.97 -17.92
C ILE B 27 -2.88 -21.05 -17.26
N GLU B 28 -2.60 -22.11 -18.01
CA GLU B 28 -1.80 -23.22 -17.50
C GLU B 28 -0.35 -22.79 -17.31
N TYR B 29 0.26 -23.25 -16.22
CA TYR B 29 1.64 -22.89 -15.90
C TYR B 29 2.36 -24.05 -15.23
N GLU B 30 3.67 -23.89 -15.11
CA GLU B 30 4.47 -24.77 -14.27
C GLU B 30 5.61 -23.94 -13.70
N ILE B 31 5.90 -24.11 -12.41
CA ILE B 31 7.01 -23.45 -11.75
C ILE B 31 8.14 -24.46 -11.60
N LEU B 32 9.31 -24.11 -12.09
CA LEU B 32 10.50 -24.94 -11.89
C LEU B 32 11.43 -24.21 -10.92
N GLU B 33 11.77 -24.87 -9.82
CA GLU B 33 12.62 -24.28 -8.80
C GLU B 33 13.87 -25.15 -8.59
N ALA B 34 15.04 -24.52 -8.58
CA ALA B 34 16.31 -25.25 -8.46
C ALA B 34 16.46 -25.91 -7.09
N LYS B 35 16.10 -25.21 -6.03
CA LYS B 35 16.33 -25.68 -4.67
C LYS B 35 15.25 -26.67 -4.26
N ASP B 36 15.40 -27.22 -3.05
CA ASP B 36 14.41 -28.11 -2.46
C ASP B 36 13.43 -27.37 -1.57
N ARG B 37 13.32 -26.05 -1.73
CA ARG B 37 12.45 -25.22 -0.90
C ARG B 37 11.95 -24.07 -1.76
N ILE B 38 10.85 -23.47 -1.33
CA ILE B 38 10.33 -22.29 -1.98
C ILE B 38 10.64 -21.08 -1.10
N GLY B 39 10.45 -19.89 -1.66
CA GLY B 39 10.68 -18.66 -0.95
C GLY B 39 11.86 -17.86 -1.46
N GLY B 40 12.85 -18.52 -2.05
CA GLY B 40 14.01 -17.81 -2.58
C GLY B 40 14.75 -17.01 -1.52
N ARG B 41 14.96 -15.72 -1.78
CA ARG B 41 15.73 -14.88 -0.86
C ARG B 41 14.88 -14.42 0.34
N ALA B 42 13.64 -14.90 0.45
CA ALA B 42 12.90 -14.92 1.71
C ALA B 42 13.01 -16.32 2.27
N TRP B 43 13.41 -16.44 3.52
CA TRP B 43 13.72 -17.77 4.07
C TRP B 43 13.62 -17.71 5.59
N THR B 44 12.47 -18.11 6.13
CA THR B 44 12.26 -18.19 7.57
C THR B 44 12.67 -19.58 8.04
N GLU B 45 13.49 -19.63 9.08
CA GLU B 45 14.00 -20.92 9.53
C GLU B 45 14.38 -20.87 11.00
N GLU B 46 14.12 -21.97 11.70
CA GLU B 46 14.52 -22.07 13.10
C GLU B 46 16.04 -22.09 13.20
N ARG B 47 16.61 -21.13 13.94
CA ARG B 47 18.03 -21.10 14.25
C ARG B 47 18.21 -20.43 15.60
N MET B 48 19.18 -20.91 16.38
CA MET B 48 19.53 -20.27 17.66
C MET B 48 18.31 -20.14 18.57
N GLY B 49 17.37 -21.08 18.47
CA GLY B 49 16.26 -21.17 19.39
C GLY B 49 14.96 -20.50 18.98
N ARG B 50 14.86 -19.92 17.78
CA ARG B 50 13.61 -19.32 17.35
C ARG B 50 13.64 -19.18 15.83
N PRO B 51 12.48 -18.92 15.21
CA PRO B 51 12.48 -18.64 13.76
C PRO B 51 13.18 -17.33 13.46
N LEU B 52 14.14 -17.38 12.54
CA LEU B 52 14.89 -16.22 12.08
C LEU B 52 14.78 -16.07 10.56
N GLU B 53 14.82 -14.83 10.12
CA GLU B 53 14.74 -14.51 8.70
C GLU B 53 16.15 -14.49 8.15
N LEU B 54 16.52 -15.51 7.38
CA LEU B 54 17.85 -15.50 6.81
C LEU B 54 17.97 -14.52 5.65
N GLY B 55 16.84 -14.11 5.09
CA GLY B 55 16.78 -13.09 4.06
C GLY B 55 15.78 -12.02 4.45
N ALA B 56 14.71 -11.89 3.66
CA ALA B 56 13.73 -10.83 3.85
C ALA B 56 13.12 -10.85 5.25
N THR B 57 12.97 -9.65 5.86
CA THR B 57 12.45 -9.52 7.22
C THR B 57 11.32 -8.50 7.41
N TRP B 58 11.52 -7.24 7.01
CA TRP B 58 10.65 -6.14 7.41
C TRP B 58 9.59 -5.81 6.35
N VAL B 59 8.45 -5.30 6.83
CA VAL B 59 7.27 -5.03 6.00
C VAL B 59 6.62 -3.73 6.48
N HIS B 60 5.63 -3.26 5.72
CA HIS B 60 4.90 -2.04 6.13
C HIS B 60 3.64 -1.90 5.31
N TRP B 61 2.62 -1.24 5.88
CA TRP B 61 1.36 -1.06 5.18
C TRP B 61 1.45 -0.04 4.03
N PHE B 62 2.55 0.73 3.94
CA PHE B 62 2.77 1.57 2.77
C PHE B 62 3.42 0.82 1.61
N GLN B 63 3.62 -0.49 1.74
CA GLN B 63 4.09 -1.34 0.65
C GLN B 63 2.88 -2.10 0.14
N ALA B 64 2.31 -1.61 -0.97
CA ALA B 64 0.99 -2.07 -1.40
C ALA B 64 0.95 -3.57 -1.63
N HIS B 65 1.92 -4.12 -2.35
CA HIS B 65 1.82 -5.52 -2.71
C HIS B 65 2.09 -6.41 -1.49
N THR B 66 3.11 -6.06 -0.69
CA THR B 66 3.38 -6.85 0.51
C THR B 66 2.20 -6.81 1.46
N TRP B 67 1.66 -5.60 1.70
CA TRP B 67 0.57 -5.49 2.66
C TRP B 67 -0.69 -6.25 2.21
N THR B 68 -0.99 -6.27 0.90
CA THR B 68 -2.19 -7.04 0.52
C THR B 68 -2.01 -8.53 0.80
N GLU B 69 -0.80 -9.08 0.62
CA GLU B 69 -0.58 -10.49 0.97
C GLU B 69 -0.66 -10.70 2.48
N ILE B 70 -0.11 -9.75 3.25
CA ILE B 70 -0.23 -9.82 4.70
C ILE B 70 -1.70 -9.95 5.10
N MET B 71 -2.54 -9.10 4.51
CA MET B 71 -3.97 -9.16 4.78
C MET B 71 -4.57 -10.47 4.28
N ARG B 72 -4.19 -10.88 3.06
CA ARG B 72 -4.81 -12.06 2.46
C ARG B 72 -4.58 -13.30 3.31
N TYR B 73 -3.37 -13.49 3.84
CA TYR B 73 -3.01 -14.72 4.53
C TYR B 73 -3.08 -14.59 6.05
N GLY B 74 -3.89 -13.65 6.55
CA GLY B 74 -4.28 -13.63 7.94
C GLY B 74 -3.27 -13.03 8.90
N GLN B 75 -2.31 -12.24 8.40
CA GLN B 75 -1.24 -11.72 9.24
C GLN B 75 -1.43 -10.25 9.63
N ARG B 76 -2.65 -9.71 9.46
CA ARG B 76 -2.94 -8.29 9.72
C ARG B 76 -2.39 -7.81 11.06
N THR B 77 -2.63 -8.57 12.12
CA THR B 77 -2.19 -8.16 13.45
C THR B 77 -0.96 -8.90 13.91
N GLU B 78 -0.33 -9.68 13.02
CA GLU B 78 0.82 -10.50 13.41
C GLU B 78 2.12 -9.84 12.99
N ILE B 79 2.25 -8.55 13.27
CA ILE B 79 3.50 -7.82 13.06
C ILE B 79 3.92 -7.19 14.38
N THR B 80 5.23 -7.10 14.57
CA THR B 80 5.84 -6.56 15.78
C THR B 80 7.00 -5.67 15.39
N ALA B 81 7.08 -4.50 16.03
CA ALA B 81 8.16 -3.56 15.76
C ALA B 81 9.46 -4.02 16.42
N SER B 82 10.57 -3.80 15.72
CA SER B 82 11.90 -4.10 16.26
C SER B 82 12.19 -3.19 17.45
N PRO B 83 13.09 -3.61 18.34
CA PRO B 83 13.42 -2.76 19.50
C PRO B 83 13.96 -1.38 19.11
N SER B 84 13.52 -0.36 19.83
CA SER B 84 13.98 1.01 19.64
C SER B 84 14.48 1.55 20.98
N GLY B 85 14.91 2.81 20.97
CA GLY B 85 15.53 3.36 22.18
C GLY B 85 16.74 2.60 22.62
N ASN B 86 17.50 2.05 21.68
CA ASN B 86 18.74 1.34 22.00
C ASN B 86 19.83 2.31 22.41
N ASP B 87 20.82 1.79 23.15
CA ASP B 87 22.06 2.52 23.35
C ASP B 87 22.89 2.44 22.06
N ALA B 88 23.16 3.59 21.45
CA ALA B 88 23.80 3.65 20.15
C ALA B 88 25.30 3.89 20.28
N HIS B 89 26.06 3.32 19.34
CA HIS B 89 27.50 3.48 19.27
C HIS B 89 27.88 3.65 17.81
N TRP B 90 28.77 4.56 17.55
CA TRP B 90 29.20 4.78 16.19
C TRP B 90 30.69 5.06 16.07
N VAL B 91 31.27 4.43 15.07
CA VAL B 91 32.65 4.58 14.82
C VAL B 91 32.89 5.73 13.90
N THR B 92 33.68 6.66 14.34
CA THR B 92 34.02 7.74 13.46
C THR B 92 35.46 8.07 13.73
N ASP B 93 36.20 8.24 12.66
CA ASP B 93 37.60 8.52 12.72
C ASP B 93 38.32 7.52 13.62
N GLY B 94 37.81 6.28 13.67
CA GLY B 94 38.53 5.23 14.37
C GLY B 94 38.20 5.09 15.84
N LYS B 95 37.36 5.96 16.40
CA LYS B 95 37.02 5.94 17.81
C LYS B 95 35.53 5.65 17.95
N VAL B 96 35.13 5.03 19.04
CA VAL B 96 33.72 4.75 19.26
C VAL B 96 33.08 5.92 19.99
N VAL B 97 31.97 6.42 19.46
CA VAL B 97 31.20 7.49 20.09
C VAL B 97 29.88 6.91 20.57
N LYS B 98 29.48 7.29 21.78
CA LYS B 98 28.26 6.80 22.39
C LYS B 98 27.19 7.90 22.41
N GLY B 99 25.94 7.48 22.34
CA GLY B 99 24.83 8.40 22.37
C GLY B 99 23.52 7.63 22.32
N THR B 100 22.42 8.38 22.32
CA THR B 100 21.12 7.74 22.20
C THR B 100 20.81 7.44 20.74
N GLU B 101 19.89 6.48 20.53
CA GLU B 101 19.41 6.21 19.18
C GLU B 101 18.82 7.46 18.56
N ASP B 102 18.12 8.28 19.36
CA ASP B 102 17.57 9.53 18.84
C ASP B 102 18.67 10.49 18.36
N ASP B 103 19.76 10.61 19.14
CA ASP B 103 20.92 11.40 18.69
C ASP B 103 21.37 10.95 17.31
N LEU B 104 21.56 9.65 17.15
CA LEU B 104 21.97 9.09 15.88
C LEU B 104 20.96 9.44 14.78
N ASP B 105 19.67 9.20 15.05
CA ASP B 105 18.65 9.44 14.04
C ASP B 105 18.60 10.90 13.62
N GLU B 106 18.85 11.81 14.55
CA GLU B 106 18.77 13.22 14.22
C GLU B 106 19.89 13.61 13.25
N LYS B 107 21.08 13.02 13.41
CA LYS B 107 22.17 13.30 12.47
C LYS B 107 21.89 12.68 11.11
N LEU B 108 21.37 11.44 11.08
CA LEU B 108 20.99 10.83 9.81
C LEU B 108 19.88 11.62 9.14
N THR B 109 18.90 12.08 9.91
CA THR B 109 17.80 12.86 9.34
C THR B 109 18.33 14.11 8.64
N ALA B 110 19.22 14.85 9.32
CA ALA B 110 19.81 16.04 8.71
C ALA B 110 20.50 15.71 7.39
N ALA B 111 21.23 14.59 7.32
CA ALA B 111 21.93 14.25 6.09
C ALA B 111 20.97 13.77 5.00
N MET B 112 19.84 13.16 5.37
CA MET B 112 18.90 12.68 4.36
C MET B 112 18.28 13.82 3.56
N GLY B 113 18.15 15.00 4.18
CA GLY B 113 17.63 16.15 3.46
C GLY B 113 18.41 16.44 2.20
N VAL B 114 19.75 16.48 2.32
CA VAL B 114 20.60 16.62 1.14
C VAL B 114 20.52 15.40 0.25
N THR B 115 20.43 14.21 0.85
CA THR B 115 20.35 12.98 0.10
C THR B 115 19.06 12.90 -0.70
N TYR B 116 17.97 13.38 -0.12
CA TYR B 116 16.66 13.35 -0.77
C TYR B 116 16.32 14.70 -1.39
N GLU B 117 17.33 15.28 -2.03
CA GLU B 117 17.22 16.53 -2.75
C GLU B 117 16.95 16.24 -4.19
N GLY B 118 15.90 16.79 -4.73
CA GLY B 118 15.60 16.55 -6.12
C GLY B 118 14.53 15.49 -6.33
N SER B 119 14.25 14.72 -5.29
CA SER B 119 13.26 13.67 -5.49
C SER B 119 11.88 14.22 -5.83
N GLU B 120 11.53 15.41 -5.32
CA GLU B 120 10.24 15.99 -5.67
C GLU B 120 10.16 16.35 -7.14
N GLU B 121 11.28 16.73 -7.75
CA GLU B 121 11.28 17.04 -9.19
C GLU B 121 11.34 15.77 -10.03
N TYR B 122 12.07 14.76 -9.56
CA TYR B 122 12.27 13.53 -10.34
C TYR B 122 11.06 12.62 -10.27
N PHE B 123 10.40 12.55 -9.12
CA PHE B 123 9.49 11.45 -8.81
C PHE B 123 8.14 11.95 -8.29
N PRO B 124 7.46 12.85 -9.02
CA PRO B 124 6.09 13.23 -8.59
C PRO B 124 5.19 12.02 -8.41
N ASN B 125 5.28 11.06 -9.33
CA ASN B 125 4.73 9.72 -9.14
C ASN B 125 5.93 8.83 -8.81
N PRO B 126 6.14 8.43 -7.56
CA PRO B 126 7.35 7.67 -7.22
C PRO B 126 7.35 6.25 -7.77
N HIS B 127 6.26 5.82 -8.40
CA HIS B 127 6.22 4.53 -9.10
C HIS B 127 6.44 4.70 -10.59
N ASP B 128 6.88 5.88 -11.02
CA ASP B 128 7.33 6.12 -12.40
C ASP B 128 8.74 6.67 -12.34
N PRO B 129 9.72 5.83 -12.01
CA PRO B 129 11.07 6.34 -11.73
C PRO B 129 11.78 6.95 -12.93
N LEU B 130 11.44 6.56 -14.16
CA LEU B 130 12.13 7.08 -15.32
C LEU B 130 11.32 8.15 -16.06
N TRP B 131 10.35 8.76 -15.39
CA TRP B 131 9.53 9.79 -16.02
C TRP B 131 10.39 10.93 -16.56
N VAL B 132 11.45 11.30 -15.84
CA VAL B 132 12.30 12.41 -16.25
C VAL B 132 12.92 12.17 -17.63
N LEU B 133 13.14 10.91 -17.99
CA LEU B 133 13.70 10.59 -19.30
C LEU B 133 12.64 10.31 -20.36
N SER B 134 11.36 10.45 -20.03
CA SER B 134 10.29 10.07 -20.94
C SER B 134 9.92 11.23 -21.86
N ASP B 135 9.18 10.90 -22.93
CA ASP B 135 8.66 11.93 -23.82
C ASP B 135 7.69 12.86 -23.10
N ASP B 136 7.01 12.36 -22.07
CA ASP B 136 6.03 13.16 -21.35
C ASP B 136 6.67 14.09 -20.33
N PHE B 137 7.99 14.03 -20.14
CA PHE B 137 8.64 14.96 -19.24
C PHE B 137 8.48 16.38 -19.77
N ASP B 138 8.00 17.27 -18.90
CA ASP B 138 7.74 18.66 -19.28
C ASP B 138 8.47 19.63 -18.36
N GLY B 139 9.51 19.20 -17.69
CA GLY B 139 10.24 20.05 -16.78
C GLY B 139 11.44 20.71 -17.45
N PRO B 140 12.20 21.48 -16.67
CA PRO B 140 13.40 22.13 -17.22
C PRO B 140 14.42 21.09 -17.67
N ALA B 141 15.21 21.46 -18.67
CA ALA B 141 16.23 20.54 -19.16
C ALA B 141 17.34 20.32 -18.14
N GLU B 142 17.50 21.23 -17.17
CA GLU B 142 18.52 21.04 -16.15
C GLU B 142 18.08 20.06 -15.07
N VAL B 143 16.77 19.79 -14.95
CA VAL B 143 16.32 18.68 -14.12
C VAL B 143 16.80 17.36 -14.72
N ARG B 144 16.69 17.23 -16.04
CA ARG B 144 17.13 16.00 -16.68
C ARG B 144 18.64 15.84 -16.59
N GLU B 145 19.38 16.94 -16.72
CA GLU B 145 20.84 16.87 -16.57
C GLU B 145 21.22 16.40 -15.17
N ARG B 146 20.62 17.02 -14.14
CA ARG B 146 20.95 16.62 -12.78
C ARG B 146 20.53 15.17 -12.51
N PHE B 147 19.43 14.73 -13.12
CA PHE B 147 18.99 13.34 -12.99
C PHE B 147 20.05 12.37 -13.51
N LEU B 148 20.54 12.61 -14.73
CA LEU B 148 21.56 11.74 -15.29
C LEU B 148 22.86 11.81 -14.51
N SER B 149 23.25 13.01 -14.04
CA SER B 149 24.48 13.09 -13.28
C SER B 149 24.33 12.45 -11.90
N ASP B 150 23.13 12.47 -11.33
CA ASP B 150 22.90 11.81 -10.04
C ASP B 150 23.04 10.31 -10.14
N ASP B 151 22.76 9.72 -11.32
CA ASP B 151 23.02 8.30 -11.52
C ASP B 151 24.51 7.97 -11.44
N GLN B 152 25.37 8.96 -11.63
CA GLN B 152 26.81 8.76 -11.64
C GLN B 152 27.48 9.24 -10.36
N THR B 153 26.70 9.54 -9.33
CA THR B 153 27.19 10.02 -8.05
C THR B 153 26.70 9.08 -6.96
N ASN B 154 27.55 8.81 -5.98
CA ASN B 154 27.12 7.95 -4.87
C ASN B 154 26.50 8.81 -3.77
N ALA B 155 25.78 8.15 -2.86
CA ALA B 155 25.03 8.86 -1.83
C ALA B 155 25.92 9.54 -0.79
N ILE B 156 27.15 9.05 -0.60
CA ILE B 156 28.04 9.62 0.40
C ILE B 156 28.56 10.97 -0.07
N ASP B 157 28.96 11.04 -1.35
CA ASP B 157 29.52 12.27 -1.88
C ASP B 157 28.53 13.42 -1.82
N LEU B 158 27.22 13.13 -1.96
CA LEU B 158 26.24 14.21 -1.80
C LEU B 158 26.35 14.82 -0.42
N VAL B 159 26.62 14.01 0.60
CA VAL B 159 26.70 14.51 1.96
C VAL B 159 28.02 15.25 2.20
N LYS B 160 29.12 14.71 1.65
CA LYS B 160 30.41 15.39 1.70
C LYS B 160 30.33 16.76 1.02
N GLU B 161 29.83 16.79 -0.23
CA GLU B 161 29.78 18.05 -0.97
C GLU B 161 28.91 19.11 -0.29
N ALA B 162 28.04 18.72 0.64
CA ALA B 162 27.22 19.68 1.35
C ALA B 162 27.87 20.22 2.62
N GLY B 163 29.07 19.75 2.97
CA GLY B 163 29.81 20.30 4.08
C GLY B 163 29.59 19.65 5.44
N PHE B 164 29.00 18.46 5.49
CA PHE B 164 28.83 17.80 6.78
C PHE B 164 30.17 17.33 7.33
N ASP B 165 30.26 17.25 8.66
CA ASP B 165 31.52 16.92 9.28
C ASP B 165 31.80 15.41 9.15
N GLN B 166 33.02 15.03 9.50
CA GLN B 166 33.44 13.64 9.31
C GLN B 166 32.56 12.68 10.09
N GLU B 167 32.03 13.11 11.23
CA GLU B 167 31.16 12.22 11.99
C GLU B 167 29.92 11.84 11.18
N THR B 168 29.30 12.79 10.48
CA THR B 168 28.10 12.46 9.73
C THR B 168 28.45 11.67 8.47
N ILE B 169 29.57 12.00 7.82
CA ILE B 169 30.04 11.21 6.68
C ILE B 169 30.21 9.74 7.08
N ASP B 170 30.83 9.50 8.23
CA ASP B 170 31.00 8.12 8.68
C ASP B 170 29.68 7.47 9.05
N LEU B 171 28.74 8.23 9.59
CA LEU B 171 27.41 7.69 9.86
C LEU B 171 26.69 7.30 8.56
N VAL B 172 26.77 8.13 7.53
CA VAL B 172 26.04 7.79 6.31
C VAL B 172 26.77 6.72 5.53
N ASP B 173 28.10 6.70 5.60
CA ASP B 173 28.90 5.60 5.05
C ASP B 173 28.40 4.27 5.60
N ALA B 174 28.37 4.16 6.94
CA ALA B 174 27.83 2.96 7.59
C ALA B 174 26.40 2.70 7.14
N PHE B 175 25.56 3.74 7.18
CA PHE B 175 24.15 3.56 6.82
C PHE B 175 24.01 2.96 5.43
N TRP B 176 24.75 3.50 4.46
CA TRP B 176 24.57 3.04 3.10
C TRP B 176 25.34 1.76 2.79
N CYS B 177 26.38 1.44 3.57
CA CYS B 177 26.93 0.09 3.51
C CYS B 177 25.82 -0.94 3.72
N ALA B 178 24.94 -0.69 4.70
CA ALA B 178 23.83 -1.60 4.92
C ALA B 178 22.78 -1.44 3.83
N GLY B 179 22.47 -0.20 3.44
CA GLY B 179 21.39 0.03 2.49
C GLY B 179 21.69 -0.47 1.09
N TYR B 180 22.92 -0.23 0.63
CA TYR B 180 23.33 -0.65 -0.71
C TYR B 180 23.94 -2.06 -0.72
N ILE B 181 23.81 -2.75 0.41
CA ILE B 181 24.32 -4.12 0.62
C ILE B 181 25.67 -4.42 -0.04
N GLY B 182 26.66 -3.56 0.23
CA GLY B 182 27.99 -3.72 -0.32
C GLY B 182 28.78 -2.43 -0.20
N ASP B 183 29.52 -2.09 -1.25
CA ASP B 183 30.30 -0.86 -1.24
C ASP B 183 29.40 0.30 -1.66
N PRO B 184 29.06 1.23 -0.76
CA PRO B 184 28.18 2.34 -1.15
C PRO B 184 28.85 3.31 -2.10
N TYR B 185 30.18 3.34 -2.14
CA TYR B 185 30.87 4.31 -2.98
C TYR B 185 30.75 3.99 -4.46
N THR B 186 30.43 2.74 -4.81
CA THR B 186 30.18 2.43 -6.21
C THR B 186 28.71 2.55 -6.59
N GLY B 187 27.85 2.93 -5.64
CA GLY B 187 26.42 2.93 -5.88
C GLY B 187 25.89 4.20 -6.51
N SER B 188 24.67 4.11 -7.03
CA SER B 188 24.01 5.24 -7.65
C SER B 188 23.12 5.94 -6.62
N ALA B 189 23.32 7.25 -6.45
CA ALA B 189 22.53 8.01 -5.50
C ALA B 189 21.04 8.06 -5.87
N LEU B 190 20.69 7.84 -7.15
CA LEU B 190 19.28 7.87 -7.52
C LEU B 190 18.47 6.80 -6.79
N MET B 191 19.11 5.69 -6.40
CA MET B 191 18.39 4.68 -5.61
C MET B 191 17.92 5.27 -4.29
N ALA B 192 18.83 5.94 -3.57
CA ALA B 192 18.45 6.58 -2.32
C ALA B 192 17.36 7.63 -2.53
N LYS B 193 17.44 8.36 -3.64
CA LYS B 193 16.45 9.40 -3.85
C LYS B 193 15.06 8.80 -4.10
N GLN B 194 15.00 7.65 -4.78
CA GLN B 194 13.68 7.03 -4.98
C GLN B 194 13.15 6.42 -3.69
N TRP B 195 14.02 5.84 -2.87
CA TRP B 195 13.59 5.45 -1.54
C TRP B 195 12.96 6.62 -0.80
N GLY B 196 13.58 7.79 -0.87
CA GLY B 196 12.98 8.98 -0.30
C GLY B 196 11.59 9.23 -0.85
N ALA B 197 11.48 9.26 -2.19
CA ALA B 197 10.21 9.58 -2.84
C ALA B 197 9.11 8.59 -2.44
N LEU B 198 9.47 7.33 -2.24
CA LEU B 198 8.51 6.32 -1.83
C LEU B 198 8.21 6.41 -0.34
N SER B 199 8.93 7.26 0.39
CA SER B 199 8.83 7.36 1.83
C SER B 199 8.37 8.75 2.25
N ASP B 200 7.61 9.44 1.39
CA ASP B 200 7.19 10.82 1.64
C ASP B 200 8.38 11.72 1.97
N ASN B 201 9.54 11.38 1.41
CA ASN B 201 10.78 12.15 1.60
C ASN B 201 11.11 12.42 3.07
N ARG B 202 10.83 11.46 3.94
CA ARG B 202 11.14 11.58 5.36
C ARG B 202 11.94 10.37 5.84
N TYR B 203 13.12 10.63 6.42
CA TYR B 203 13.97 9.54 6.91
C TYR B 203 13.21 8.59 7.84
N ARG B 204 12.38 9.15 8.73
CA ARG B 204 11.65 8.30 9.68
C ARG B 204 10.68 7.36 8.98
N VAL B 205 10.00 7.85 7.93
CA VAL B 205 9.10 6.98 7.20
C VAL B 205 9.89 5.90 6.45
N MET B 206 11.01 6.29 5.82
CA MET B 206 11.85 5.31 5.13
C MET B 206 12.29 4.19 6.08
N GLU B 207 12.71 4.55 7.30
CA GLU B 207 13.08 3.52 8.27
C GLU B 207 11.86 2.75 8.78
N ASP B 208 10.72 3.43 8.95
CA ASP B 208 9.49 2.72 9.31
C ASP B 208 9.14 1.66 8.27
N ILE B 209 9.35 1.97 6.99
CA ILE B 209 8.93 1.06 5.91
C ILE B 209 9.88 -0.13 5.78
N THR B 210 11.18 0.11 5.94
CA THR B 210 12.18 -0.89 5.59
C THR B 210 12.84 -1.56 6.79
N LEU B 211 12.64 -1.06 8.01
CA LEU B 211 13.49 -1.55 9.08
C LEU B 211 12.78 -1.48 10.43
N LYS B 212 11.47 -1.76 10.44
CA LYS B 212 10.73 -1.64 11.69
C LYS B 212 9.84 -2.84 12.01
N TRP B 213 8.87 -3.16 11.14
CA TRP B 213 7.87 -4.16 11.44
C TRP B 213 8.27 -5.52 10.90
N LYS B 214 8.28 -6.52 11.78
CA LYS B 214 8.61 -7.90 11.41
C LYS B 214 7.36 -8.75 11.49
N LEU B 215 7.34 -9.81 10.69
CA LEU B 215 6.23 -10.76 10.67
C LEU B 215 6.43 -11.79 11.78
N ASN B 216 5.50 -11.81 12.74
CA ASN B 216 5.56 -12.80 13.83
C ASN B 216 5.69 -14.22 13.30
N ASN B 217 4.99 -14.54 12.21
CA ASN B 217 4.98 -15.87 11.64
C ASN B 217 5.90 -15.99 10.43
N GLY B 218 6.76 -15.00 10.19
CA GLY B 218 7.80 -15.07 9.20
C GLY B 218 7.28 -14.83 7.78
N MET B 219 8.23 -14.50 6.90
CA MET B 219 7.90 -14.45 5.48
C MET B 219 7.29 -15.76 5.00
N ARG B 220 7.63 -16.89 5.64
CA ARG B 220 7.07 -18.16 5.19
C ARG B 220 5.56 -18.20 5.29
N SER B 221 4.95 -17.48 6.24
CA SER B 221 3.49 -17.46 6.29
C SER B 221 2.91 -16.86 5.00
N LEU B 222 3.66 -15.98 4.34
CA LEU B 222 3.23 -15.41 3.07
C LEU B 222 3.57 -16.31 1.89
N TYR B 223 4.83 -16.77 1.79
CA TYR B 223 5.13 -17.59 0.63
C TYR B 223 4.52 -18.97 0.71
N ASP B 224 4.39 -19.57 1.91
CA ASP B 224 3.61 -20.80 1.99
C ASP B 224 2.13 -20.55 1.69
N GLY B 225 1.64 -19.35 2.03
CA GLY B 225 0.25 -19.03 1.74
C GLY B 225 -0.03 -19.00 0.24
N ILE B 226 0.82 -18.31 -0.52
CA ILE B 226 0.67 -18.28 -1.98
C ILE B 226 0.79 -19.69 -2.56
N ALA B 227 1.85 -20.41 -2.17
CA ALA B 227 2.04 -21.77 -2.70
C ALA B 227 0.84 -22.65 -2.41
N GLY B 228 0.27 -22.53 -1.22
CA GLY B 228 -0.93 -23.28 -0.87
C GLY B 228 -2.13 -22.96 -1.73
N ASP B 229 -2.15 -21.80 -2.39
CA ASP B 229 -3.24 -21.44 -3.31
C ASP B 229 -3.09 -22.06 -4.70
N LEU B 230 -1.87 -22.46 -5.07
CA LEU B 230 -1.63 -22.92 -6.43
C LEU B 230 -2.22 -24.31 -6.62
N ASN B 231 -2.87 -24.53 -7.76
CA ASN B 231 -3.44 -25.84 -8.06
C ASN B 231 -2.47 -26.73 -8.85
N THR B 232 -1.26 -26.27 -9.10
CA THR B 232 -0.25 -27.03 -9.82
C THR B 232 0.97 -27.20 -8.92
N ASP B 233 1.43 -28.43 -8.76
CA ASP B 233 2.58 -28.71 -7.91
C ASP B 233 3.83 -28.00 -8.42
N ILE B 234 4.55 -27.35 -7.49
CA ILE B 234 5.84 -26.77 -7.83
C ILE B 234 6.86 -27.91 -8.04
N ARG B 235 7.62 -27.83 -9.11
CA ARG B 235 8.67 -28.83 -9.37
C ARG B 235 9.96 -28.34 -8.71
N LEU B 236 10.20 -28.81 -7.49
CA LEU B 236 11.44 -28.54 -6.77
C LEU B 236 12.58 -29.37 -7.37
N ASN B 237 13.81 -29.02 -6.97
CA ASN B 237 15.02 -29.71 -7.41
C ASN B 237 15.11 -29.80 -8.93
N THR B 238 14.64 -28.76 -9.63
CA THR B 238 14.57 -28.77 -11.08
C THR B 238 15.18 -27.47 -11.62
N PRO B 239 16.50 -27.37 -11.58
CA PRO B 239 17.17 -26.19 -12.14
C PRO B 239 17.02 -26.11 -13.65
N VAL B 240 16.83 -24.89 -14.15
CA VAL B 240 16.81 -24.65 -15.58
C VAL B 240 18.22 -24.34 -16.05
N ALA B 241 18.65 -24.99 -17.13
CA ALA B 241 19.97 -24.77 -17.70
C ALA B 241 19.97 -23.96 -18.97
N LYS B 242 18.86 -23.94 -19.71
CA LYS B 242 18.84 -23.27 -21.01
C LYS B 242 17.44 -22.77 -21.30
N VAL B 243 17.36 -21.57 -21.88
CA VAL B 243 16.10 -20.98 -22.34
C VAL B 243 16.29 -20.55 -23.80
N GLU B 244 15.57 -21.21 -24.71
CA GLU B 244 15.44 -20.72 -26.08
C GLU B 244 14.15 -19.93 -26.17
N HIS B 245 14.22 -18.70 -26.70
CA HIS B 245 13.07 -17.81 -26.66
C HIS B 245 12.85 -17.17 -28.03
N HIS B 246 11.62 -17.20 -28.51
CA HIS B 246 11.31 -16.65 -29.83
C HIS B 246 9.99 -15.89 -29.76
N ASP B 247 9.52 -15.44 -30.92
CA ASP B 247 8.38 -14.52 -30.93
C ASP B 247 7.09 -15.21 -30.49
N ASN B 248 6.98 -16.52 -30.70
CA ASN B 248 5.73 -17.22 -30.41
C ASN B 248 5.84 -18.18 -29.24
N GLY B 249 6.97 -18.22 -28.55
CA GLY B 249 7.10 -19.13 -27.45
C GLY B 249 8.55 -19.32 -27.05
N ALA B 250 8.77 -20.40 -26.32
CA ALA B 250 10.09 -20.66 -25.75
C ALA B 250 10.24 -22.16 -25.51
N THR B 251 11.48 -22.57 -25.29
CA THR B 251 11.82 -23.95 -24.95
C THR B 251 12.77 -23.91 -23.77
N VAL B 252 12.41 -24.61 -22.70
CA VAL B 252 13.20 -24.67 -21.48
C VAL B 252 13.85 -26.05 -21.39
N THR B 253 15.16 -26.09 -21.14
CA THR B 253 15.87 -27.35 -20.88
C THR B 253 16.36 -27.35 -19.44
N THR B 254 15.97 -28.38 -18.68
CA THR B 254 16.42 -28.53 -17.31
C THR B 254 17.85 -29.09 -17.25
N GLU B 255 18.43 -29.07 -16.06
CA GLU B 255 19.79 -29.62 -15.91
C GLU B 255 19.83 -31.12 -16.17
N SER B 256 18.74 -31.83 -15.90
CA SER B 256 18.67 -33.26 -16.22
C SER B 256 18.45 -33.53 -17.70
N GLY B 257 18.28 -32.49 -18.51
CA GLY B 257 18.09 -32.64 -19.94
C GLY B 257 16.66 -32.64 -20.41
N GLU B 258 15.69 -32.57 -19.50
CA GLU B 258 14.29 -32.54 -19.91
C GLU B 258 13.98 -31.25 -20.67
N VAL B 259 13.23 -31.38 -21.76
CA VAL B 259 12.92 -30.26 -22.63
C VAL B 259 11.43 -29.94 -22.47
N ILE B 260 11.12 -28.67 -22.20
CA ILE B 260 9.76 -28.24 -21.95
C ILE B 260 9.41 -27.11 -22.91
N GLU B 261 8.41 -27.35 -23.75
CA GLU B 261 7.91 -26.32 -24.64
C GLU B 261 6.96 -25.40 -23.88
N ALA B 262 7.10 -24.10 -24.11
CA ALA B 262 6.31 -23.12 -23.36
C ALA B 262 5.76 -22.05 -24.29
N SER B 263 4.58 -21.56 -23.94
CA SER B 263 4.01 -20.38 -24.58
C SER B 263 4.74 -19.10 -24.17
N ALA B 264 5.30 -19.07 -22.97
CA ALA B 264 6.09 -17.94 -22.50
C ALA B 264 6.94 -18.41 -21.32
N VAL B 265 8.00 -17.66 -21.03
CA VAL B 265 8.85 -17.96 -19.88
C VAL B 265 8.92 -16.70 -19.01
N ILE B 266 8.60 -16.86 -17.72
CA ILE B 266 8.76 -15.79 -16.75
C ILE B 266 9.96 -16.16 -15.91
N CYS B 267 11.06 -15.47 -16.10
CA CYS B 267 12.33 -15.88 -15.48
C CYS B 267 12.57 -14.95 -14.30
N THR B 268 12.51 -15.50 -13.09
CA THR B 268 12.75 -14.74 -11.87
C THR B 268 14.14 -14.97 -11.28
N VAL B 269 14.99 -15.70 -11.99
CA VAL B 269 16.38 -15.90 -11.55
C VAL B 269 17.06 -14.54 -11.43
N PRO B 270 17.67 -14.20 -10.29
CA PRO B 270 18.32 -12.90 -10.16
C PRO B 270 19.61 -12.81 -10.96
N VAL B 271 20.03 -11.57 -11.20
CA VAL B 271 21.19 -11.30 -12.05
C VAL B 271 22.42 -12.04 -11.54
N GLY B 272 22.58 -12.13 -10.22
CA GLY B 272 23.72 -12.86 -9.67
C GLY B 272 23.75 -14.33 -10.02
N ALA B 273 22.65 -14.89 -10.51
CA ALA B 273 22.58 -16.31 -10.86
C ALA B 273 22.20 -16.53 -12.32
N LEU B 274 22.06 -15.47 -13.12
CA LEU B 274 21.69 -15.65 -14.52
C LEU B 274 22.79 -16.33 -15.34
N SER B 275 24.03 -16.32 -14.87
CA SER B 275 25.10 -16.99 -15.62
C SER B 275 24.93 -18.49 -15.66
N ASN B 276 24.10 -19.05 -14.78
CA ASN B 276 23.82 -20.48 -14.83
C ASN B 276 22.94 -20.88 -16.00
N ILE B 277 22.33 -19.94 -16.72
CA ILE B 277 21.38 -20.25 -17.76
C ILE B 277 21.96 -19.82 -19.10
N GLU B 278 21.94 -20.72 -20.08
CA GLU B 278 22.30 -20.37 -21.45
C GLU B 278 21.04 -19.86 -22.14
N PHE B 279 21.09 -18.63 -22.64
CA PHE B 279 19.98 -18.03 -23.37
C PHE B 279 20.25 -18.07 -24.87
N SER B 280 19.27 -18.51 -25.65
CA SER B 280 19.41 -18.62 -27.10
C SER B 280 18.17 -18.02 -27.76
N PRO B 281 18.27 -16.87 -28.45
CA PRO B 281 19.46 -16.04 -28.71
C PRO B 281 20.07 -15.42 -27.45
N ALA B 282 21.33 -15.02 -27.55
CA ALA B 282 21.96 -14.33 -26.45
C ALA B 282 21.16 -13.08 -26.07
N LEU B 283 21.17 -12.76 -24.78
CA LEU B 283 20.49 -11.56 -24.31
C LEU B 283 21.16 -10.32 -24.91
N PRO B 284 20.43 -9.21 -25.02
CA PRO B 284 20.99 -8.00 -25.64
C PRO B 284 22.25 -7.54 -24.92
N ASP B 285 23.16 -6.93 -25.70
CA ASP B 285 24.44 -6.50 -25.15
C ASP B 285 24.28 -5.62 -23.92
N ALA B 286 23.31 -4.70 -23.94
CA ALA B 286 23.12 -3.81 -22.80
C ALA B 286 22.67 -4.56 -21.56
N VAL B 287 21.85 -5.60 -21.73
CA VAL B 287 21.45 -6.44 -20.61
C VAL B 287 22.61 -7.29 -20.13
N GLN B 288 23.38 -7.87 -21.07
CA GLN B 288 24.55 -8.65 -20.69
C GLN B 288 25.56 -7.83 -19.89
N SER B 289 25.67 -6.54 -20.20
CA SER B 289 26.64 -5.72 -19.48
C SER B 289 26.22 -5.55 -18.03
N VAL B 290 24.91 -5.47 -17.76
CA VAL B 290 24.45 -5.43 -16.37
C VAL B 290 24.75 -6.75 -15.68
N ILE B 291 24.48 -7.87 -16.37
CA ILE B 291 24.74 -9.18 -15.79
C ILE B 291 26.21 -9.33 -15.45
N ASP B 292 27.10 -8.90 -16.37
CA ASP B 292 28.53 -8.99 -16.10
C ASP B 292 28.94 -8.10 -14.93
N ASP B 293 28.36 -6.91 -14.88
CA ASP B 293 28.63 -5.97 -13.78
C ASP B 293 27.67 -6.26 -12.63
N LYS B 294 26.58 -6.95 -12.93
CA LYS B 294 25.56 -7.33 -11.96
C LYS B 294 25.03 -6.16 -11.12
N TRP B 295 24.74 -6.41 -9.86
CA TRP B 295 24.23 -5.38 -8.96
C TRP B 295 25.30 -4.97 -7.96
N ASN B 296 24.91 -4.11 -7.01
CA ASN B 296 25.82 -3.64 -5.99
C ASN B 296 25.51 -4.30 -4.65
N SER B 297 25.05 -5.55 -4.71
CA SER B 297 24.70 -6.29 -3.51
C SER B 297 25.73 -7.37 -3.20
N GLN B 298 26.91 -6.96 -2.75
CA GLN B 298 27.98 -7.90 -2.40
C GLN B 298 28.07 -8.21 -0.92
N GLY B 299 27.16 -7.68 -0.11
CA GLY B 299 27.26 -7.77 1.33
C GLY B 299 26.58 -8.99 1.92
N ALA B 300 26.29 -8.90 3.21
CA ALA B 300 25.77 -10.06 3.91
C ALA B 300 25.02 -9.64 5.16
N LYS B 301 24.18 -10.54 5.65
CA LYS B 301 23.34 -10.34 6.83
C LYS B 301 23.66 -11.43 7.85
N ILE B 302 23.91 -11.01 9.09
CA ILE B 302 24.27 -11.92 10.15
C ILE B 302 23.26 -11.79 11.29
N TRP B 303 23.08 -12.89 12.02
CA TRP B 303 22.36 -12.93 13.29
C TRP B 303 23.35 -13.35 14.37
N ILE B 304 23.49 -12.53 15.41
CA ILE B 304 24.47 -12.76 16.47
C ILE B 304 23.74 -12.85 17.81
N LYS B 305 24.10 -13.85 18.62
CA LYS B 305 23.55 -13.98 19.97
C LYS B 305 24.63 -13.68 21.01
N ILE B 306 24.31 -12.77 21.94
CA ILE B 306 25.23 -12.40 23.02
C ILE B 306 24.60 -12.72 24.37
N LYS B 307 25.43 -12.78 25.39
CA LYS B 307 24.95 -13.00 26.75
C LYS B 307 24.25 -11.76 27.29
N GLY B 308 23.18 -11.97 28.06
CA GLY B 308 22.50 -10.86 28.69
C GLY B 308 21.44 -10.23 27.82
N HIS B 309 20.71 -9.27 28.40
CA HIS B 309 19.72 -8.49 27.68
C HIS B 309 20.33 -7.11 27.44
N HIS B 310 20.55 -6.76 26.18
CA HIS B 310 21.24 -5.53 25.84
C HIS B 310 20.50 -4.86 24.69
N ARG B 311 20.10 -3.60 24.89
CA ARG B 311 19.48 -2.77 23.87
C ARG B 311 20.61 -2.02 23.17
N PHE B 312 21.04 -2.55 22.03
CA PHE B 312 22.28 -2.14 21.40
C PHE B 312 22.04 -1.68 19.97
N LEU B 313 22.74 -0.63 19.57
CA LEU B 313 22.76 -0.18 18.18
C LEU B 313 24.16 0.28 17.83
N GLY B 314 24.73 -0.28 16.78
CA GLY B 314 26.08 0.09 16.37
C GLY B 314 26.17 0.39 14.88
N TYR B 315 26.90 1.46 14.57
CA TYR B 315 27.23 1.87 13.20
C TYR B 315 28.74 1.90 13.04
N ALA B 316 29.23 1.40 11.90
CA ALA B 316 30.66 1.48 11.58
C ALA B 316 30.81 1.58 10.06
N PRO B 317 31.70 2.45 9.58
CA PRO B 317 31.84 2.64 8.13
C PRO B 317 32.64 1.52 7.49
N LYS B 318 32.61 1.50 6.16
CA LYS B 318 33.47 0.63 5.37
C LYS B 318 34.93 0.83 5.81
N PRO B 319 35.74 -0.24 5.93
CA PRO B 319 35.51 -1.65 5.57
C PRO B 319 35.16 -2.58 6.74
N ALA B 320 34.34 -2.12 7.68
CA ALA B 320 33.98 -2.95 8.81
C ALA B 320 33.31 -4.26 8.35
N LYS B 321 33.54 -5.32 9.12
CA LYS B 321 32.84 -6.59 8.90
C LYS B 321 31.31 -6.38 8.85
N MET B 322 30.76 -5.64 9.81
CA MET B 322 29.34 -5.28 9.83
C MET B 322 29.22 -3.79 10.07
N SER B 323 28.32 -3.15 9.32
CA SER B 323 28.18 -1.70 9.38
C SER B 323 26.99 -1.25 10.19
N VAL B 324 25.96 -2.07 10.33
CA VAL B 324 24.80 -1.73 11.15
C VAL B 324 24.40 -2.98 11.92
N VAL B 325 24.33 -2.87 13.24
CA VAL B 325 24.03 -4.00 14.11
C VAL B 325 23.04 -3.50 15.14
N ARG B 326 21.97 -4.27 15.39
CA ARG B 326 20.90 -3.81 16.26
C ARG B 326 20.28 -4.99 17.00
N SER B 327 19.97 -4.79 18.28
CA SER B 327 19.18 -5.76 19.02
C SER B 327 17.84 -6.02 18.35
N GLU B 328 17.42 -7.27 18.33
CA GLU B 328 16.14 -7.64 17.71
C GLU B 328 15.27 -8.51 18.60
N TYR B 329 15.86 -9.43 19.36
CA TYR B 329 15.08 -10.34 20.19
C TYR B 329 15.75 -10.49 21.55
N PHE B 330 14.93 -10.47 22.61
CA PHE B 330 15.40 -10.68 23.97
C PHE B 330 14.89 -12.04 24.41
N MET B 331 15.80 -13.00 24.51
CA MET B 331 15.46 -14.41 24.62
C MET B 331 15.26 -14.82 26.09
N ASP B 332 14.57 -15.96 26.26
CA ASP B 332 14.15 -16.42 27.58
C ASP B 332 15.32 -16.87 28.45
N ASP B 333 16.46 -17.18 27.86
CA ASP B 333 17.63 -17.65 28.60
C ASP B 333 18.65 -16.55 28.84
N ASP B 334 18.19 -15.31 29.03
CA ASP B 334 19.05 -14.16 29.27
C ASP B 334 20.13 -14.03 28.20
N THR B 335 19.68 -14.04 26.94
CA THR B 335 20.53 -13.71 25.79
C THR B 335 19.78 -12.74 24.89
N THR B 336 20.53 -12.08 24.00
CA THR B 336 19.99 -11.14 23.02
C THR B 336 20.43 -11.56 21.64
N ILE B 337 19.49 -11.59 20.69
CA ILE B 337 19.80 -11.81 19.28
C ILE B 337 19.82 -10.46 18.58
N LEU B 338 20.91 -10.19 17.88
CA LEU B 338 21.11 -8.96 17.11
C LEU B 338 21.20 -9.31 15.64
N VAL B 339 20.76 -8.39 14.80
CA VAL B 339 20.92 -8.51 13.36
C VAL B 339 22.02 -7.55 12.94
N GLY B 340 22.74 -7.91 11.88
CA GLY B 340 23.75 -7.03 11.35
C GLY B 340 23.79 -7.10 9.83
N PHE B 341 24.20 -5.99 9.22
CA PHE B 341 24.38 -5.89 7.78
C PHE B 341 25.78 -5.38 7.46
N GLY B 342 26.44 -6.03 6.50
CA GLY B 342 27.81 -5.69 6.18
C GLY B 342 28.01 -5.63 4.68
N TYR B 343 29.06 -4.89 4.27
CA TYR B 343 29.23 -4.52 2.87
C TYR B 343 29.93 -5.59 2.02
N ASP B 344 30.59 -6.57 2.64
CA ASP B 344 31.48 -7.47 1.90
C ASP B 344 31.34 -8.89 2.46
N ASN B 345 30.60 -9.73 1.74
CA ASN B 345 30.36 -11.11 2.19
C ASN B 345 31.66 -11.88 2.40
N THR B 346 32.72 -11.50 1.70
CA THR B 346 33.96 -12.29 1.78
C THR B 346 34.81 -11.92 2.99
N ASN B 347 34.48 -10.86 3.73
CA ASN B 347 35.29 -10.48 4.89
C ASN B 347 34.70 -10.99 6.20
N ILE B 348 33.65 -11.80 6.14
CA ILE B 348 33.03 -12.28 7.37
C ILE B 348 32.51 -13.69 7.14
N ASP B 349 32.76 -14.57 8.12
CA ASP B 349 32.17 -15.90 8.18
C ASP B 349 30.95 -15.83 9.11
N LEU B 350 29.75 -15.86 8.51
CA LEU B 350 28.54 -15.61 9.28
C LEU B 350 28.31 -16.66 10.37
N ASN B 351 29.01 -17.78 10.31
CA ASN B 351 28.77 -18.88 11.24
C ASN B 351 29.97 -19.12 12.17
N SER B 352 30.86 -18.13 12.28
CA SER B 352 32.06 -18.27 13.10
C SER B 352 31.90 -17.34 14.30
N ILE B 353 31.95 -17.90 15.50
CA ILE B 353 31.76 -17.10 16.71
C ILE B 353 32.85 -16.05 16.84
N GLU B 354 34.08 -16.38 16.42
CA GLU B 354 35.18 -15.42 16.51
C GLU B 354 34.97 -14.23 15.61
N ASP B 355 34.42 -14.43 14.40
CA ASP B 355 34.10 -13.30 13.54
C ASP B 355 32.94 -12.47 14.09
N ALA B 356 31.91 -13.14 14.61
CA ALA B 356 30.83 -12.42 15.27
C ALA B 356 31.33 -11.69 16.51
N GLN B 357 32.31 -12.25 17.22
CA GLN B 357 32.89 -11.50 18.33
C GLN B 357 33.62 -10.28 17.81
N ALA B 358 34.36 -10.43 16.71
CA ALA B 358 35.07 -9.31 16.11
C ALA B 358 34.09 -8.21 15.67
N VAL B 359 32.90 -8.58 15.24
CA VAL B 359 31.88 -7.57 14.92
C VAL B 359 31.49 -6.80 16.18
N ILE B 360 31.12 -7.52 17.23
CA ILE B 360 30.68 -6.85 18.45
C ILE B 360 31.82 -6.01 19.02
N ASN B 361 33.06 -6.50 18.90
CA ASN B 361 34.22 -5.77 19.39
C ASN B 361 34.48 -4.48 18.63
N GLN B 362 33.82 -4.25 17.48
CA GLN B 362 33.93 -2.96 16.82
C GLN B 362 33.50 -1.81 17.73
N TRP B 363 32.66 -2.09 18.70
CA TRP B 363 32.05 -1.08 19.57
C TRP B 363 32.23 -1.36 21.04
N ARG B 364 32.12 -2.62 21.47
CA ARG B 364 32.09 -2.96 22.89
C ARG B 364 32.77 -4.31 23.09
N ASP B 365 33.99 -4.30 23.61
CA ASP B 365 34.68 -5.55 23.86
C ASP B 365 34.15 -6.31 25.07
N ASP B 366 33.26 -5.70 25.86
CA ASP B 366 32.74 -6.34 27.06
C ASP B 366 31.48 -7.18 26.82
N LEU B 367 30.97 -7.22 25.60
CA LEU B 367 29.86 -8.11 25.26
C LEU B 367 30.41 -9.43 24.71
N GLU B 368 29.70 -10.52 24.99
CA GLU B 368 30.21 -11.85 24.73
C GLU B 368 29.28 -12.61 23.80
N VAL B 369 29.78 -12.93 22.61
CA VAL B 369 29.03 -13.71 21.63
C VAL B 369 29.02 -15.18 22.02
N VAL B 370 27.83 -15.77 22.06
CA VAL B 370 27.72 -17.21 22.33
C VAL B 370 27.24 -18.01 21.12
N ASP B 371 26.79 -17.35 20.05
CA ASP B 371 26.29 -18.06 18.88
C ASP B 371 26.16 -17.05 17.74
N THR B 372 26.22 -17.57 16.52
CA THR B 372 26.05 -16.71 15.34
C THR B 372 25.55 -17.56 14.18
N THR B 373 24.76 -16.95 13.31
CA THR B 373 24.30 -17.68 12.13
C THR B 373 24.00 -16.72 10.99
N GLY B 374 23.97 -17.27 9.78
CA GLY B 374 23.60 -16.51 8.59
C GLY B 374 23.71 -17.41 7.38
N HIS B 375 23.12 -16.95 6.27
CA HIS B 375 23.27 -17.59 4.97
C HIS B 375 23.94 -16.62 4.02
N ASN B 376 25.09 -17.00 3.46
CA ASN B 376 25.80 -16.11 2.54
C ASN B 376 25.15 -16.21 1.16
N TRP B 377 24.19 -15.31 0.91
CA TRP B 377 23.45 -15.29 -0.36
C TRP B 377 24.38 -15.09 -1.54
N VAL B 378 25.43 -14.28 -1.39
CA VAL B 378 26.32 -14.01 -2.52
C VAL B 378 27.02 -15.29 -2.98
N ALA B 379 27.33 -16.19 -2.05
CA ALA B 379 28.00 -17.45 -2.35
C ALA B 379 27.01 -18.59 -2.64
N ASP B 380 25.72 -18.26 -2.75
CA ASP B 380 24.66 -19.20 -3.07
C ASP B 380 24.45 -19.13 -4.59
N LYS B 381 24.73 -20.22 -5.30
CA LYS B 381 24.75 -20.13 -6.76
C LYS B 381 23.39 -19.79 -7.36
N TRP B 382 22.30 -20.01 -6.63
CA TRP B 382 20.96 -19.69 -7.13
C TRP B 382 20.55 -18.26 -6.80
N ALA B 383 21.42 -17.48 -6.17
CA ALA B 383 21.14 -16.07 -5.89
C ALA B 383 22.30 -15.22 -6.38
N GLY B 384 23.48 -15.44 -5.81
CA GLY B 384 24.68 -14.73 -6.23
C GLY B 384 24.70 -13.27 -5.87
N GLN B 385 23.84 -12.86 -4.96
CA GLN B 385 23.72 -11.50 -4.53
C GLN B 385 22.83 -11.47 -3.30
N ALA B 386 22.81 -10.36 -2.60
CA ALA B 386 21.85 -10.17 -1.52
C ALA B 386 20.58 -9.52 -2.17
N TRP B 387 20.07 -8.44 -1.64
CA TRP B 387 18.97 -7.77 -2.29
C TRP B 387 19.55 -6.88 -3.40
N GLY B 388 18.90 -6.79 -4.53
CA GLY B 388 19.41 -5.96 -5.60
C GLY B 388 19.57 -4.50 -5.24
N THR B 389 20.77 -3.95 -5.44
CA THR B 389 21.03 -2.52 -5.29
C THR B 389 21.81 -2.03 -6.51
N LEU B 390 21.78 -0.72 -6.75
CA LEU B 390 22.21 -0.16 -8.02
C LEU B 390 23.61 0.42 -7.94
N ARG B 391 24.48 -0.01 -8.85
CA ARG B 391 25.73 0.69 -9.11
C ARG B 391 25.45 1.97 -9.89
N LYS B 392 26.44 2.86 -9.90
CA LYS B 392 26.39 4.05 -10.75
C LYS B 392 25.96 3.68 -12.16
N GLY B 393 25.02 4.46 -12.70
CA GLY B 393 24.53 4.25 -14.03
C GLY B 393 23.47 3.19 -14.18
N GLN B 394 23.18 2.44 -13.12
CA GLN B 394 22.20 1.36 -13.27
C GLN B 394 20.77 1.80 -12.99
N PHE B 395 20.56 3.03 -12.50
CA PHE B 395 19.18 3.52 -12.37
C PHE B 395 18.58 3.78 -13.76
N THR B 396 19.33 4.42 -14.65
CA THR B 396 18.82 4.79 -15.96
C THR B 396 19.18 3.81 -17.06
N GLN B 397 20.25 3.02 -16.89
CA GLN B 397 20.64 2.00 -17.87
C GLN B 397 20.93 0.69 -17.17
N GLY B 398 19.99 0.23 -16.36
CA GLY B 398 20.19 -1.00 -15.62
C GLY B 398 18.94 -1.85 -15.54
N TRP B 399 18.16 -1.65 -14.46
CA TRP B 399 17.05 -2.55 -14.18
C TRP B 399 15.98 -2.49 -15.25
N SER B 400 15.81 -1.32 -15.87
CA SER B 400 14.75 -1.15 -16.86
C SER B 400 15.07 -1.85 -18.18
N LEU B 401 16.33 -2.17 -18.44
CA LEU B 401 16.67 -2.81 -19.71
C LEU B 401 16.16 -4.24 -19.78
N PHE B 402 15.83 -4.85 -18.64
CA PHE B 402 15.32 -6.20 -18.64
C PHE B 402 13.88 -6.29 -19.12
N ASP B 403 13.22 -5.15 -19.36
CA ASP B 403 11.86 -5.16 -19.87
C ASP B 403 11.79 -5.20 -21.39
N ASP B 404 12.89 -4.94 -22.08
CA ASP B 404 12.89 -4.82 -23.54
C ASP B 404 13.50 -6.07 -24.17
N ILE B 405 12.83 -7.20 -23.96
CA ILE B 405 13.19 -8.47 -24.58
C ILE B 405 12.13 -8.76 -25.63
N ASP B 406 12.53 -8.72 -26.91
CA ASP B 406 11.59 -8.86 -28.02
C ASP B 406 11.39 -10.35 -28.33
N SER B 407 10.76 -11.03 -27.38
CA SER B 407 10.48 -12.45 -27.47
C SER B 407 9.51 -12.79 -26.34
N GLN B 408 9.14 -14.07 -26.24
CA GLN B 408 8.28 -14.52 -25.14
C GLN B 408 9.07 -14.88 -23.88
N LEU B 409 10.30 -14.39 -23.74
CA LEU B 409 11.01 -14.42 -22.46
C LEU B 409 10.71 -13.11 -21.74
N PHE B 410 10.27 -13.23 -20.49
CA PHE B 410 10.00 -12.08 -19.63
C PHE B 410 10.83 -12.20 -18.37
N PHE B 411 11.40 -11.08 -17.95
CA PHE B 411 12.15 -11.02 -16.69
C PHE B 411 11.26 -10.42 -15.60
N ALA B 412 11.14 -11.13 -14.49
CA ALA B 412 10.33 -10.65 -13.37
C ALA B 412 11.08 -10.93 -12.09
N GLY B 413 10.86 -10.10 -11.09
CA GLY B 413 11.59 -10.22 -9.84
C GLY B 413 11.73 -8.86 -9.22
N SER B 414 12.11 -8.85 -7.93
CA SER B 414 12.18 -7.58 -7.23
C SER B 414 13.15 -6.62 -7.91
N ASP B 415 14.25 -7.16 -8.46
CA ASP B 415 15.32 -6.32 -9.00
C ASP B 415 14.90 -5.48 -10.21
N TYR B 416 13.73 -5.75 -10.81
CA TYR B 416 13.24 -5.01 -11.97
C TYR B 416 11.94 -4.24 -11.69
N ALA B 417 11.54 -4.11 -10.42
CA ALA B 417 10.29 -3.43 -10.09
C ALA B 417 10.39 -1.91 -10.30
N TYR B 418 9.23 -1.29 -10.53
CA TYR B 418 9.15 0.17 -10.60
C TYR B 418 9.25 0.82 -9.22
N GLY B 419 8.72 0.16 -8.19
CA GLY B 419 8.62 0.76 -6.88
C GLY B 419 9.78 0.44 -5.96
N TRP B 420 9.53 -0.44 -4.98
CA TRP B 420 10.52 -0.81 -3.95
C TRP B 420 11.44 -1.89 -4.51
N ARG B 421 12.26 -1.48 -5.47
CA ARG B 421 13.02 -2.39 -6.31
C ARG B 421 14.17 -3.04 -5.55
N GLY B 422 14.25 -4.36 -5.63
CA GLY B 422 15.40 -5.09 -5.10
C GLY B 422 15.35 -5.26 -3.59
N VAL B 423 15.27 -4.14 -2.88
CA VAL B 423 15.39 -4.13 -1.43
C VAL B 423 14.17 -4.72 -0.72
N CYS B 424 13.01 -4.80 -1.39
CA CYS B 424 11.78 -5.18 -0.70
C CYS B 424 11.09 -6.36 -1.38
N VAL B 425 10.48 -7.22 -0.56
CA VAL B 425 9.56 -8.23 -1.08
C VAL B 425 8.47 -7.56 -1.92
N ASP B 426 8.14 -6.30 -1.59
CA ASP B 426 7.11 -5.58 -2.33
C ASP B 426 7.42 -5.50 -3.81
N GLY B 427 8.70 -5.33 -4.16
CA GLY B 427 9.08 -5.29 -5.56
C GLY B 427 8.90 -6.62 -6.27
N ALA B 428 9.20 -7.72 -5.57
CA ALA B 428 9.00 -9.05 -6.14
C ALA B 428 7.52 -9.31 -6.40
N LEU B 429 6.66 -9.01 -5.42
CA LEU B 429 5.22 -9.20 -5.58
C LEU B 429 4.67 -8.28 -6.67
N GLU B 430 5.16 -7.04 -6.73
CA GLU B 430 4.75 -6.12 -7.79
C GLU B 430 5.11 -6.69 -9.16
N LYS B 431 6.39 -7.01 -9.35
CA LYS B 431 6.85 -7.35 -10.69
C LYS B 431 6.42 -8.75 -11.11
N GLY B 432 6.37 -9.71 -10.18
CA GLY B 432 5.79 -11.00 -10.52
C GLY B 432 4.36 -10.85 -11.03
N MET B 433 3.55 -10.06 -10.33
CA MET B 433 2.14 -9.92 -10.72
C MET B 433 2.00 -9.20 -12.06
N THR B 434 2.71 -8.07 -12.24
CA THR B 434 2.54 -7.31 -13.47
C THR B 434 3.12 -8.05 -14.68
N THR B 435 4.17 -8.85 -14.49
CA THR B 435 4.69 -9.63 -15.61
C THR B 435 3.71 -10.72 -16.01
N ALA B 436 3.05 -11.37 -15.03
CA ALA B 436 1.96 -12.27 -15.38
C ALA B 436 0.89 -11.54 -16.18
N ARG B 437 0.61 -10.27 -15.85
CA ARG B 437 -0.40 -9.51 -16.61
C ARG B 437 0.09 -9.25 -18.04
N GLN B 438 1.39 -8.98 -18.21
CA GLN B 438 1.95 -8.86 -19.56
C GLN B 438 1.68 -10.12 -20.37
N VAL B 439 1.89 -11.29 -19.77
CA VAL B 439 1.61 -12.53 -20.47
C VAL B 439 0.12 -12.69 -20.70
N ILE B 440 -0.69 -12.40 -19.67
CA ILE B 440 -2.16 -12.49 -19.80
C ILE B 440 -2.66 -11.58 -20.91
N ASN B 441 -2.16 -10.34 -20.94
CA ASN B 441 -2.66 -9.39 -21.95
C ASN B 441 -2.25 -9.81 -23.35
N SER B 442 -1.07 -10.41 -23.49
CA SER B 442 -0.64 -10.89 -24.79
C SER B 442 -1.54 -12.03 -25.27
N MET B 443 -1.90 -12.96 -24.38
CA MET B 443 -2.72 -14.09 -24.79
C MET B 443 -4.17 -13.68 -25.07
N ARG B 444 -4.67 -12.64 -24.42
CA ARG B 444 -6.05 -12.20 -24.63
C ARG B 444 -6.23 -11.55 -26.00
#